data_1PVC
#
_entry.id   1PVC
#
_cell.length_a   321.060
_cell.length_b   358.620
_cell.length_c   381.820
_cell.angle_alpha   90.00
_cell.angle_beta   90.00
_cell.angle_gamma   90.00
#
_symmetry.space_group_name_H-M   'I 2 2 2'
#
loop_
_entity.id
_entity.type
_entity.pdbx_description
1 polymer 'POLIOVIRUS TYPE 3, SABIN STRAIN'
2 polymer 'POLIOVIRUS TYPE 3, SABIN STRAIN'
3 polymer 'POLIOVIRUS TYPE 3, SABIN STRAIN'
4 polymer 'POLIOVIRUS TYPE 3, SABIN STRAIN'
5 polymer 'POLIOVIRUS TYPE 3, SABIN STRAIN'
6 non-polymer SPHINGOSINE
7 non-polymer 'MYRISTIC ACID'
8 water water
#
loop_
_entity_poly.entity_id
_entity_poly.type
_entity_poly.pdbx_seq_one_letter_code
_entity_poly.pdbx_strand_id
1 'polypeptide(L)' ISEV 0
2 'polypeptide(L)'
;QGIEDLISEVAQGALTLSLPKQQDSLPDTKASGPAHSKEVPALTAVETGATNPLAPSDTVQTRHVVQRRSRSESTIESFF
ARGACVAIIEVDNEQPTTRAQKLFAMWRITYKDTVQLRRKLEFFTYSRFDMEFTFVVTANFTNANNGHALNQVYQIMYIP
PGAPTPKSWDDYTWQTSSNPSIFYTYGAAPARISVPYVGLANAYSHFYDGFAKVPLKTDANDQIGDSLYSAMTVDDFGVL
AVRVVNDHNPTKVTSKVRIYMKPKHVRVWCPRPPRAVPYYGPGVDYRNNLDPLSEKGLTTY
;
1
3 'polypeptide(L)'
;SPNVEACGYSDRVLQLTLGNSTITTQEAANSVVAYGRWPEFIRDDEANPVDQPTEPDVATCRFYTLDTVMWGKESKGWWW
KLPDALRDMGLFGQNMYYHYLGRSGYTVHVQCNASKFHQGALGVFAIPEYCLAGDSDKQRYTSYANANPGERGGKFYSQF
NKDNAVTSPKREFCPVDYLLGCGVLLGNAFVYPHQIINLRTNNSATIVLPYVNALAIDSMVKHNNWGIAILPLSPLDFAQ
DSSVEIPITVTIAPMCSEFNGLRNVTAPKFQ
;
2
4 'polypeptide(L)'
;GLPVLNTPGSNQYLTSDNHQSPCAIPEFDVTPPIDIPGEVKNMMELAEIDTMIPLNLESTKRNTMDMYRVTLSDSADLSQ
PILCLSLSPAFDPRLSHTMLGEVLNYYTHWAGSLKFTFLFCGSMMATGKILVAYAPPGAQPPTSRKEAMLGTHVIWDLGL
QSSCTMVVPWISNVTYRQTTQDSFTEGGYISMFYQTRIVVPLSTPKSMSMLGFVSACNDFSVRLLRDTTHISQSALPQ
;
3
5 'polypeptide(L)' GAQVSSQKVGAHENSNRAYGGSTINYTTINYYKDSASNAASKQDYSQDPSKFTEPLKDVLIKTAPALN 4
#
loop_
_chem_comp.id
_chem_comp.type
_chem_comp.name
_chem_comp.formula
MYR non-polymer 'MYRISTIC ACID' 'C14 H28 O2'
SPH non-polymer SPHINGOSINE 'C18 H37 N O2'
#
# COMPACT_ATOMS: atom_id res chain seq x y z
N ILE A 1 -30.84 -29.17 -1.87
CA ILE A 1 -29.42 -28.92 -2.16
C ILE A 1 -29.35 -27.98 -3.39
N SER A 2 -28.16 -27.39 -3.65
CA SER A 2 -27.99 -26.57 -4.84
C SER A 2 -26.55 -26.70 -5.37
N GLU A 3 -26.40 -27.51 -6.43
CA GLU A 3 -25.11 -27.64 -7.14
C GLU A 3 -24.86 -26.31 -7.87
N VAL A 4 -23.57 -25.92 -7.94
CA VAL A 4 -23.14 -24.70 -8.61
C VAL A 4 -21.95 -25.01 -9.55
N GLN B 23 -13.45 -21.96 -14.89
CA GLN B 23 -12.42 -21.38 -15.77
C GLN B 23 -11.65 -20.19 -15.16
N ASP B 24 -10.40 -20.36 -14.69
CA ASP B 24 -9.68 -19.24 -14.10
C ASP B 24 -8.26 -19.05 -14.62
N SER B 25 -7.93 -19.61 -15.79
CA SER B 25 -6.55 -19.54 -16.23
C SER B 25 -6.22 -18.18 -16.79
N LEU B 26 -4.94 -17.89 -16.78
CA LEU B 26 -4.44 -16.62 -17.30
C LEU B 26 -4.49 -16.63 -18.82
N PRO B 27 -4.40 -15.52 -19.54
CA PRO B 27 -4.47 -15.53 -21.00
C PRO B 27 -3.36 -16.26 -21.71
N ASP B 28 -3.75 -16.85 -22.83
CA ASP B 28 -2.84 -17.58 -23.71
C ASP B 28 -1.86 -16.65 -24.38
N THR B 29 -0.66 -17.12 -24.72
CA THR B 29 0.25 -16.33 -25.50
C THR B 29 -0.13 -16.57 -26.95
N LYS B 30 -0.28 -15.48 -27.68
CA LYS B 30 -0.55 -15.54 -29.11
C LYS B 30 0.72 -15.64 -29.90
N ALA B 31 0.69 -16.40 -30.98
CA ALA B 31 1.83 -16.46 -31.86
C ALA B 31 2.02 -15.12 -32.54
N SER B 32 3.20 -14.51 -32.62
CA SER B 32 3.34 -13.35 -33.48
C SER B 32 4.67 -13.36 -34.17
N GLY B 33 4.70 -12.76 -35.34
CA GLY B 33 5.86 -12.80 -36.20
C GLY B 33 6.52 -11.44 -36.25
N PRO B 34 7.25 -11.17 -37.34
CA PRO B 34 8.07 -9.99 -37.52
C PRO B 34 7.21 -8.75 -37.63
N ALA B 35 7.74 -7.55 -37.48
CA ALA B 35 6.97 -6.33 -37.66
C ALA B 35 7.94 -5.33 -38.29
N HIS B 36 7.42 -4.43 -39.11
CA HIS B 36 8.16 -3.31 -39.67
C HIS B 36 7.01 -2.29 -39.74
N SER B 37 6.68 -1.45 -38.77
CA SER B 37 5.51 -0.61 -38.92
C SER B 37 5.58 0.65 -38.11
N LYS B 38 4.53 1.45 -38.22
CA LYS B 38 4.37 2.66 -37.44
C LYS B 38 3.72 2.46 -36.09
N GLU B 39 3.32 1.24 -35.75
CA GLU B 39 2.80 0.99 -34.44
C GLU B 39 4.03 0.73 -33.59
N VAL B 40 4.23 1.51 -32.55
CA VAL B 40 5.42 1.36 -31.76
C VAL B 40 5.03 1.10 -30.30
N PRO B 41 4.57 -0.09 -29.87
CA PRO B 41 4.24 -0.38 -28.48
C PRO B 41 5.42 -0.28 -27.51
N ALA B 42 6.66 -0.45 -27.95
CA ALA B 42 7.80 -0.38 -27.06
C ALA B 42 8.06 1.04 -26.56
N LEU B 43 7.62 2.14 -27.21
CA LEU B 43 7.92 3.48 -26.71
C LEU B 43 6.74 3.94 -25.90
N THR B 44 6.86 4.75 -24.86
CA THR B 44 5.71 5.20 -24.09
C THR B 44 6.15 6.46 -23.37
N ALA B 45 5.33 7.01 -22.48
CA ALA B 45 5.68 8.16 -21.68
C ALA B 45 5.17 7.86 -20.28
N VAL B 46 6.00 7.42 -19.30
CA VAL B 46 5.47 7.12 -17.97
C VAL B 46 5.02 8.38 -17.21
N GLU B 47 5.23 9.55 -17.78
CA GLU B 47 4.82 10.80 -17.17
C GLU B 47 3.32 10.86 -17.00
N THR B 48 2.60 10.15 -17.86
CA THR B 48 1.14 10.19 -17.81
C THR B 48 0.59 9.56 -16.54
N GLY B 49 1.36 8.68 -15.89
CA GLY B 49 0.88 8.02 -14.70
C GLY B 49 0.42 6.60 -14.97
N ALA B 50 0.59 6.14 -16.22
CA ALA B 50 0.14 4.81 -16.62
C ALA B 50 1.30 3.84 -16.85
N THR B 51 1.05 2.53 -16.66
CA THR B 51 1.98 1.44 -16.87
C THR B 51 1.73 0.92 -18.29
N ASN B 52 2.76 0.67 -19.10
CA ASN B 52 2.59 0.23 -20.47
C ASN B 52 2.15 -1.22 -20.48
N PRO B 53 0.98 -1.57 -20.99
CA PRO B 53 0.40 -2.92 -20.90
C PRO B 53 1.00 -3.86 -21.93
N LEU B 54 2.31 -4.01 -22.07
CA LEU B 54 2.84 -4.85 -23.10
C LEU B 54 2.80 -6.31 -22.69
N ALA B 55 2.86 -7.15 -23.71
CA ALA B 55 2.90 -8.59 -23.58
C ALA B 55 4.13 -8.98 -24.39
N PRO B 56 4.77 -10.14 -24.24
CA PRO B 56 5.96 -10.48 -24.99
C PRO B 56 5.78 -10.42 -26.49
N SER B 57 4.58 -10.67 -27.01
CA SER B 57 4.39 -10.62 -28.43
C SER B 57 4.41 -9.22 -29.01
N ASP B 58 4.53 -8.17 -28.18
CA ASP B 58 4.67 -6.80 -28.68
C ASP B 58 6.12 -6.49 -29.02
N THR B 59 7.10 -7.20 -28.43
CA THR B 59 8.48 -6.87 -28.70
C THR B 59 9.30 -8.06 -29.17
N VAL B 60 8.80 -9.32 -29.20
CA VAL B 60 9.59 -10.44 -29.71
C VAL B 60 8.64 -11.35 -30.49
N GLN B 61 9.15 -12.31 -31.27
CA GLN B 61 8.30 -13.26 -31.94
C GLN B 61 7.93 -14.33 -30.92
N THR B 62 6.65 -14.63 -30.75
CA THR B 62 6.23 -15.63 -29.79
C THR B 62 5.55 -16.78 -30.51
N ARG B 63 5.44 -17.90 -29.83
CA ARG B 63 4.69 -19.04 -30.32
C ARG B 63 3.35 -19.00 -29.58
N HIS B 64 2.38 -19.84 -29.96
CA HIS B 64 1.13 -19.94 -29.23
C HIS B 64 1.36 -20.83 -28.01
N VAL B 65 0.89 -20.43 -26.84
CA VAL B 65 1.00 -21.27 -25.66
C VAL B 65 -0.38 -21.30 -25.04
N VAL B 66 -0.95 -22.46 -24.77
CA VAL B 66 -2.25 -22.55 -24.10
C VAL B 66 -1.89 -22.46 -22.63
N GLN B 67 -2.24 -21.34 -21.99
CA GLN B 67 -1.89 -21.05 -20.63
C GLN B 67 -2.83 -21.70 -19.63
N ARG B 68 -2.30 -22.44 -18.67
CA ARG B 68 -3.11 -23.08 -17.66
C ARG B 68 -2.88 -22.57 -16.24
N ARG B 69 -1.90 -21.69 -15.99
CA ARG B 69 -1.65 -21.15 -14.66
C ARG B 69 -2.81 -20.28 -14.23
N SER B 70 -3.04 -20.08 -12.94
CA SER B 70 -4.10 -19.24 -12.46
C SER B 70 -3.57 -18.51 -11.25
N ARG B 71 -4.30 -17.48 -10.85
CA ARG B 71 -3.94 -16.69 -9.69
C ARG B 71 -4.79 -17.12 -8.51
N SER B 72 -5.17 -18.41 -8.39
CA SER B 72 -6.03 -18.85 -7.30
C SER B 72 -5.50 -18.53 -5.92
N GLU B 73 -4.17 -18.59 -5.70
CA GLU B 73 -3.61 -18.41 -4.39
C GLU B 73 -3.24 -16.99 -4.04
N SER B 74 -3.45 -16.00 -4.92
CA SER B 74 -3.18 -14.65 -4.53
C SER B 74 -4.43 -13.80 -4.54
N THR B 75 -5.63 -14.41 -4.48
CA THR B 75 -6.84 -13.62 -4.27
C THR B 75 -6.70 -12.95 -2.89
N ILE B 76 -7.40 -11.85 -2.57
CA ILE B 76 -7.35 -11.26 -1.23
C ILE B 76 -7.71 -12.30 -0.17
N GLU B 77 -8.73 -13.15 -0.38
CA GLU B 77 -9.09 -14.15 0.60
C GLU B 77 -7.93 -15.12 0.81
N SER B 78 -7.30 -15.69 -0.20
CA SER B 78 -6.20 -16.61 0.03
C SER B 78 -4.93 -15.98 0.59
N PHE B 79 -4.65 -14.70 0.34
CA PHE B 79 -3.51 -14.06 0.92
C PHE B 79 -3.69 -13.92 2.42
N PHE B 80 -4.91 -13.72 2.93
CA PHE B 80 -5.13 -13.55 4.38
C PHE B 80 -5.61 -14.78 5.10
N ALA B 81 -5.81 -15.90 4.42
CA ALA B 81 -6.46 -17.06 5.00
C ALA B 81 -5.56 -17.94 5.85
N ARG B 82 -4.98 -17.34 6.89
CA ARG B 82 -4.06 -18.03 7.80
C ARG B 82 -4.30 -17.50 9.20
N GLY B 83 -4.24 -18.28 10.27
CA GLY B 83 -4.33 -17.73 11.61
C GLY B 83 -2.96 -17.14 11.90
N ALA B 84 -2.84 -15.88 12.32
CA ALA B 84 -1.55 -15.28 12.61
C ALA B 84 -1.51 -14.96 14.09
N CYS B 85 -0.42 -15.21 14.82
CA CYS B 85 -0.37 -14.87 16.24
C CYS B 85 -0.37 -13.37 16.46
N VAL B 86 -1.30 -12.87 17.28
CA VAL B 86 -1.35 -11.47 17.59
C VAL B 86 -1.15 -11.15 19.07
N ALA B 87 -1.12 -12.11 20.01
CA ALA B 87 -0.96 -11.81 21.42
C ALA B 87 -0.55 -13.04 22.19
N ILE B 88 0.20 -12.88 23.27
CA ILE B 88 0.54 -13.96 24.20
C ILE B 88 0.16 -13.38 25.56
N ILE B 89 -0.83 -13.93 26.24
CA ILE B 89 -1.32 -13.40 27.49
C ILE B 89 -0.91 -14.37 28.56
N GLU B 90 -0.31 -13.90 29.64
CA GLU B 90 0.16 -14.77 30.68
C GLU B 90 -0.75 -14.67 31.89
N VAL B 91 -1.15 -15.77 32.48
CA VAL B 91 -2.04 -15.69 33.61
C VAL B 91 -1.62 -16.80 34.56
N ASP B 92 -1.62 -16.50 35.85
CA ASP B 92 -1.21 -17.44 36.86
C ASP B 92 -2.33 -17.96 37.71
N ASN B 93 -2.11 -19.10 38.32
CA ASN B 93 -3.02 -19.59 39.34
C ASN B 93 -2.18 -19.96 40.52
N GLU B 94 -2.28 -19.10 41.54
CA GLU B 94 -1.54 -19.26 42.79
C GLU B 94 -2.32 -18.58 43.91
N GLN B 95 -1.90 -18.75 45.15
CA GLN B 95 -2.54 -18.12 46.28
C GLN B 95 -2.58 -16.60 46.14
N PRO B 96 -3.75 -15.98 46.30
CA PRO B 96 -3.89 -14.53 46.24
C PRO B 96 -3.12 -13.95 47.40
N THR B 97 -1.98 -13.33 47.09
CA THR B 97 -1.21 -12.61 48.09
C THR B 97 -1.66 -11.15 47.96
N THR B 98 -1.00 -10.33 48.77
CA THR B 98 -1.26 -8.89 48.79
C THR B 98 -0.47 -8.13 47.71
N ARG B 99 0.53 -8.75 47.06
CA ARG B 99 1.32 -8.03 46.07
C ARG B 99 0.60 -8.07 44.71
N ALA B 100 1.28 -7.51 43.71
CA ALA B 100 0.81 -7.54 42.33
C ALA B 100 1.04 -8.97 41.80
N GLN B 101 -0.03 -9.54 41.28
CA GLN B 101 -0.01 -10.90 40.78
C GLN B 101 -0.63 -10.89 39.39
N LYS B 102 -0.77 -12.04 38.76
CA LYS B 102 -1.34 -12.11 37.43
C LYS B 102 -2.46 -13.12 37.53
N LEU B 103 -3.31 -12.99 38.55
CA LEU B 103 -4.41 -13.90 38.68
C LEU B 103 -5.45 -13.63 37.59
N PHE B 104 -5.43 -12.46 36.95
CA PHE B 104 -6.20 -12.26 35.74
C PHE B 104 -5.35 -11.30 34.90
N ALA B 105 -5.57 -11.24 33.60
CA ALA B 105 -4.76 -10.41 32.71
C ALA B 105 -5.71 -9.74 31.75
N MET B 106 -5.42 -8.57 31.20
CA MET B 106 -6.29 -7.93 30.22
C MET B 106 -5.49 -7.58 29.00
N TRP B 107 -5.98 -7.79 27.77
CA TRP B 107 -5.25 -7.46 26.57
C TRP B 107 -6.14 -6.55 25.75
N ARG B 108 -5.67 -5.37 25.36
CA ARG B 108 -6.43 -4.49 24.49
C ARG B 108 -6.36 -5.07 23.08
N ILE B 109 -7.51 -5.36 22.44
CA ILE B 109 -7.52 -6.09 21.18
C ILE B 109 -6.89 -5.29 20.07
N THR B 110 -5.92 -5.87 19.36
CA THR B 110 -5.18 -5.19 18.32
C THR B 110 -4.41 -6.22 17.52
N TYR B 111 -4.01 -5.83 16.30
CA TYR B 111 -3.09 -6.64 15.50
C TYR B 111 -1.71 -5.96 15.50
N LYS B 112 -1.51 -4.88 16.25
CA LYS B 112 -0.27 -4.16 16.21
C LYS B 112 0.69 -4.55 17.29
N ASP B 113 0.44 -5.56 18.11
CA ASP B 113 1.46 -5.98 19.04
C ASP B 113 2.41 -6.92 18.33
N THR B 114 2.06 -7.55 17.21
CA THR B 114 3.00 -8.36 16.50
C THR B 114 3.20 -7.70 15.15
N VAL B 115 4.14 -8.12 14.31
CA VAL B 115 4.41 -7.41 13.08
C VAL B 115 3.94 -8.11 11.82
N GLN B 116 3.87 -9.44 11.80
CA GLN B 116 3.64 -10.13 10.54
C GLN B 116 2.27 -9.92 9.94
N LEU B 117 1.16 -10.06 10.70
CA LEU B 117 -0.16 -9.80 10.14
C LEU B 117 -0.31 -8.30 9.94
N ARG B 118 0.15 -7.42 10.83
CA ARG B 118 0.10 -5.98 10.64
C ARG B 118 0.60 -5.60 9.27
N ARG B 119 1.75 -6.12 8.82
CA ARG B 119 2.33 -5.72 7.57
C ARG B 119 1.51 -6.15 6.38
N LYS B 120 0.87 -7.34 6.42
CA LYS B 120 0.05 -7.80 5.30
C LYS B 120 -1.21 -6.94 5.20
N LEU B 121 -1.89 -6.61 6.32
CA LEU B 121 -3.07 -5.75 6.28
C LEU B 121 -2.70 -4.39 5.77
N GLU B 122 -1.53 -3.88 6.12
CA GLU B 122 -1.14 -2.54 5.70
C GLU B 122 -0.63 -2.41 4.28
N PHE B 123 -0.86 -3.40 3.42
CA PHE B 123 -0.71 -3.21 1.99
C PHE B 123 -1.95 -2.42 1.58
N PHE B 124 -2.97 -2.20 2.44
CA PHE B 124 -4.20 -1.54 2.04
C PHE B 124 -4.60 -0.47 3.04
N THR B 125 -5.29 0.59 2.63
CA THR B 125 -5.74 1.65 3.50
C THR B 125 -6.99 1.24 4.26
N TYR B 126 -7.97 0.56 3.66
CA TYR B 126 -9.23 0.25 4.31
C TYR B 126 -9.55 -1.22 4.13
N SER B 127 -10.28 -1.87 5.02
CA SER B 127 -10.62 -3.28 4.86
C SER B 127 -11.99 -3.55 5.45
N ARG B 128 -12.65 -4.63 5.10
CA ARG B 128 -13.94 -4.97 5.69
C ARG B 128 -13.83 -6.49 5.76
N PHE B 129 -14.02 -7.13 6.91
CA PHE B 129 -13.93 -8.58 7.05
C PHE B 129 -14.57 -9.05 8.34
N ASP B 130 -14.86 -10.34 8.46
CA ASP B 130 -15.28 -10.98 9.70
C ASP B 130 -13.99 -11.50 10.33
N MET B 131 -13.91 -11.84 11.60
CA MET B 131 -12.64 -12.23 12.20
C MET B 131 -12.82 -13.53 12.95
N GLU B 132 -11.97 -14.51 12.67
CA GLU B 132 -12.00 -15.77 13.40
C GLU B 132 -10.89 -15.70 14.46
N PHE B 133 -11.13 -15.97 15.74
CA PHE B 133 -10.09 -16.02 16.75
C PHE B 133 -9.93 -17.45 17.19
N THR B 134 -8.72 -18.02 17.18
CA THR B 134 -8.47 -19.35 17.74
C THR B 134 -7.50 -19.15 18.91
N PHE B 135 -7.73 -19.81 20.04
CA PHE B 135 -6.95 -19.62 21.27
C PHE B 135 -6.19 -20.89 21.63
N VAL B 136 -4.85 -20.86 21.68
CA VAL B 136 -4.03 -22.03 22.04
C VAL B 136 -3.58 -21.78 23.48
N VAL B 137 -3.83 -22.68 24.45
CA VAL B 137 -3.51 -22.44 25.84
C VAL B 137 -2.51 -23.48 26.33
N THR B 138 -1.38 -23.09 26.94
CA THR B 138 -0.35 -24.03 27.43
C THR B 138 -0.06 -23.70 28.87
N ALA B 139 0.27 -24.67 29.73
CA ALA B 139 0.55 -24.42 31.12
C ALA B 139 1.76 -25.22 31.56
N ASN B 140 2.40 -24.82 32.65
CA ASN B 140 3.54 -25.54 33.18
C ASN B 140 3.68 -25.28 34.65
N PHE B 141 4.39 -26.14 35.38
CA PHE B 141 4.65 -25.89 36.79
C PHE B 141 5.83 -24.97 36.89
N THR B 142 5.97 -24.23 37.95
CA THR B 142 7.13 -23.38 38.09
C THR B 142 8.02 -23.89 39.23
N ASN B 143 7.51 -24.68 40.16
CA ASN B 143 8.25 -25.03 41.34
C ASN B 143 8.25 -26.52 41.29
N ALA B 144 9.49 -26.85 41.63
CA ALA B 144 10.01 -28.21 41.66
C ALA B 144 9.03 -29.19 42.27
N ASN B 145 8.33 -28.75 43.34
CA ASN B 145 7.16 -29.47 43.83
C ASN B 145 6.55 -29.04 45.16
N ASN B 146 5.24 -28.73 45.05
CA ASN B 146 4.38 -28.44 46.21
C ASN B 146 3.08 -29.13 45.79
N GLY B 147 3.21 -30.43 45.62
CA GLY B 147 2.07 -31.19 45.14
C GLY B 147 1.79 -30.81 43.70
N HIS B 148 0.55 -31.11 43.30
CA HIS B 148 0.20 -30.89 41.92
C HIS B 148 -1.01 -30.02 41.77
N ALA B 149 -1.64 -30.12 40.60
CA ALA B 149 -2.72 -29.25 40.22
C ALA B 149 -3.76 -30.07 39.48
N LEU B 150 -5.05 -29.78 39.64
CA LEU B 150 -6.08 -30.48 38.89
C LEU B 150 -6.33 -29.64 37.65
N ASN B 151 -6.93 -30.23 36.61
CA ASN B 151 -7.08 -29.58 35.31
C ASN B 151 -7.77 -28.23 35.40
N GLN B 152 -7.19 -27.23 34.76
CA GLN B 152 -7.72 -25.89 34.84
C GLN B 152 -8.72 -25.49 33.77
N VAL B 153 -9.70 -24.66 34.11
CA VAL B 153 -10.67 -24.11 33.18
C VAL B 153 -10.35 -22.60 33.10
N TYR B 154 -10.34 -21.98 31.91
CA TYR B 154 -9.97 -20.59 31.72
C TYR B 154 -11.20 -19.80 31.29
N GLN B 155 -11.42 -18.57 31.74
CA GLN B 155 -12.54 -17.78 31.26
C GLN B 155 -11.91 -16.66 30.48
N ILE B 156 -12.31 -16.44 29.23
CA ILE B 156 -11.82 -15.36 28.39
C ILE B 156 -13.08 -14.53 28.20
N MET B 157 -13.19 -13.35 28.82
CA MET B 157 -14.35 -12.50 28.72
C MET B 157 -14.06 -11.28 27.85
N TYR B 158 -14.94 -10.96 26.90
CA TYR B 158 -14.75 -9.78 26.09
C TYR B 158 -15.40 -8.62 26.81
N ILE B 159 -14.69 -7.52 27.06
CA ILE B 159 -15.26 -6.36 27.73
C ILE B 159 -15.30 -5.24 26.71
N PRO B 160 -16.44 -4.91 26.06
CA PRO B 160 -16.56 -3.84 25.08
C PRO B 160 -16.34 -2.47 25.74
N PRO B 161 -15.85 -1.43 25.06
CA PRO B 161 -15.70 -0.09 25.59
C PRO B 161 -16.93 0.36 26.37
N GLY B 162 -16.78 0.62 27.65
CA GLY B 162 -17.84 1.13 28.47
C GLY B 162 -18.25 0.14 29.53
N ALA B 163 -18.08 -1.17 29.34
CA ALA B 163 -18.52 -2.14 30.33
C ALA B 163 -17.56 -2.10 31.51
N PRO B 164 -17.91 -2.47 32.75
CA PRO B 164 -16.98 -2.46 33.89
C PRO B 164 -15.84 -3.46 33.74
N THR B 165 -14.59 -3.08 34.04
CA THR B 165 -13.45 -4.00 33.94
C THR B 165 -13.18 -4.65 35.29
N PRO B 166 -12.73 -5.90 35.41
CA PRO B 166 -12.49 -6.52 36.69
C PRO B 166 -11.36 -5.86 37.45
N LYS B 167 -11.58 -5.68 38.72
CA LYS B 167 -10.51 -5.30 39.62
C LYS B 167 -9.88 -6.48 40.32
N SER B 168 -10.52 -7.64 40.45
CA SER B 168 -9.86 -8.82 40.97
C SER B 168 -10.33 -10.01 40.18
N TRP B 169 -9.61 -11.13 40.27
CA TRP B 169 -9.95 -12.29 39.48
C TRP B 169 -11.32 -12.85 39.83
N ASP B 170 -11.97 -12.60 40.96
CA ASP B 170 -13.31 -13.12 41.07
C ASP B 170 -14.28 -12.04 41.50
N ASP B 171 -14.19 -10.80 41.01
CA ASP B 171 -15.21 -9.84 41.41
C ASP B 171 -16.48 -10.04 40.58
N TYR B 172 -17.52 -9.21 40.72
CA TYR B 172 -18.78 -9.44 40.04
C TYR B 172 -18.70 -9.35 38.53
N THR B 173 -17.73 -8.67 37.88
CA THR B 173 -17.79 -8.53 36.44
C THR B 173 -17.70 -9.87 35.75
N TRP B 174 -17.08 -10.84 36.40
CA TRP B 174 -16.92 -12.15 35.79
C TRP B 174 -18.25 -12.90 35.69
N GLN B 175 -19.34 -12.39 36.26
CA GLN B 175 -20.66 -12.99 36.10
C GLN B 175 -21.09 -13.00 34.64
N THR B 176 -20.50 -12.10 33.83
CA THR B 176 -20.64 -12.03 32.40
C THR B 176 -22.06 -12.12 31.88
N SER B 177 -23.05 -11.46 32.49
CA SER B 177 -24.41 -11.64 32.01
C SER B 177 -24.63 -11.14 30.59
N SER B 178 -23.87 -10.13 30.15
CA SER B 178 -24.09 -9.64 28.81
C SER B 178 -22.86 -9.70 27.96
N ASN B 179 -21.67 -9.52 28.52
CA ASN B 179 -20.44 -9.64 27.74
C ASN B 179 -20.35 -11.11 27.33
N PRO B 180 -19.82 -11.49 26.15
CA PRO B 180 -19.61 -12.89 25.81
C PRO B 180 -18.37 -13.42 26.49
N SER B 181 -18.39 -14.63 27.06
CA SER B 181 -17.19 -15.29 27.56
C SER B 181 -17.00 -16.65 26.94
N ILE B 182 -15.76 -17.14 26.82
CA ILE B 182 -15.45 -18.51 26.46
C ILE B 182 -14.95 -19.18 27.75
N PHE B 183 -15.43 -20.35 28.15
CA PHE B 183 -14.85 -21.12 29.22
C PHE B 183 -14.15 -22.25 28.49
N TYR B 184 -12.81 -22.28 28.54
CA TYR B 184 -11.98 -23.25 27.85
C TYR B 184 -11.44 -24.27 28.86
N THR B 185 -11.48 -25.58 28.61
CA THR B 185 -10.95 -26.60 29.49
C THR B 185 -9.55 -27.02 29.03
N TYR B 186 -8.51 -27.00 29.88
CA TYR B 186 -7.16 -27.33 29.46
C TYR B 186 -7.09 -28.68 28.81
N GLY B 187 -6.34 -28.77 27.71
CA GLY B 187 -6.21 -30.02 27.00
C GLY B 187 -7.26 -30.22 25.92
N ALA B 188 -8.34 -29.43 25.85
CA ALA B 188 -9.32 -29.57 24.79
C ALA B 188 -8.76 -28.94 23.52
N ALA B 189 -9.36 -29.20 22.36
CA ALA B 189 -8.95 -28.61 21.10
C ALA B 189 -8.90 -27.09 21.26
N PRO B 190 -8.00 -26.30 20.66
CA PRO B 190 -8.01 -24.85 20.76
C PRO B 190 -9.40 -24.24 20.61
N ALA B 191 -9.82 -23.28 21.45
CA ALA B 191 -11.14 -22.66 21.34
C ALA B 191 -11.20 -21.79 20.11
N ARG B 192 -12.38 -21.53 19.54
CA ARG B 192 -12.50 -20.77 18.32
C ARG B 192 -13.87 -20.13 18.24
N ILE B 193 -13.92 -18.85 17.88
CA ILE B 193 -15.16 -18.11 17.71
C ILE B 193 -15.01 -17.17 16.50
N SER B 194 -16.10 -16.69 15.91
CA SER B 194 -16.07 -15.72 14.84
C SER B 194 -16.78 -14.47 15.34
N VAL B 195 -16.43 -13.33 14.76
CA VAL B 195 -16.95 -12.03 15.13
C VAL B 195 -17.34 -11.36 13.82
N PRO B 196 -18.43 -10.59 13.72
CA PRO B 196 -18.81 -9.93 12.48
C PRO B 196 -17.98 -8.70 12.19
N TYR B 197 -18.23 -7.95 11.09
CA TYR B 197 -17.55 -6.67 10.85
C TYR B 197 -18.16 -5.72 11.89
N VAL B 198 -17.39 -5.26 12.87
CA VAL B 198 -17.94 -4.48 13.98
C VAL B 198 -17.54 -3.02 13.95
N GLY B 199 -17.07 -2.55 12.81
CA GLY B 199 -16.53 -1.20 12.71
C GLY B 199 -17.64 -0.18 12.82
N LEU B 200 -17.25 1.03 13.24
CA LEU B 200 -18.20 2.13 13.39
C LEU B 200 -18.37 2.81 12.05
N ALA B 201 -17.44 2.61 11.12
CA ALA B 201 -17.53 3.21 9.81
C ALA B 201 -17.86 2.12 8.80
N ASN B 202 -17.88 2.42 7.50
CA ASN B 202 -18.24 1.42 6.52
C ASN B 202 -17.08 0.50 6.17
N ALA B 203 -15.87 0.79 6.63
CA ALA B 203 -14.68 -0.04 6.46
C ALA B 203 -13.78 0.27 7.66
N TYR B 204 -12.85 -0.60 8.03
CA TYR B 204 -11.85 -0.38 9.06
C TYR B 204 -10.81 0.55 8.46
N SER B 205 -10.25 1.53 9.17
CA SER B 205 -9.19 2.36 8.62
C SER B 205 -7.88 1.86 9.17
N HIS B 206 -7.00 1.44 8.27
CA HIS B 206 -5.69 1.00 8.69
C HIS B 206 -4.82 2.22 8.88
N PHE B 207 -5.20 3.38 8.32
CA PHE B 207 -4.42 4.59 8.42
C PHE B 207 -5.43 5.69 8.60
N TYR B 208 -5.25 6.61 9.55
CA TYR B 208 -6.16 7.71 9.75
C TYR B 208 -5.31 8.96 9.85
N ASP B 209 -5.27 9.77 8.82
CA ASP B 209 -4.51 11.00 8.86
C ASP B 209 -5.29 12.09 9.59
N GLY B 210 -5.36 12.06 10.92
CA GLY B 210 -6.11 13.08 11.62
C GLY B 210 -6.03 12.88 13.12
N PHE B 211 -6.92 13.61 13.81
CA PHE B 211 -6.95 13.68 15.25
C PHE B 211 -8.35 13.42 15.75
N ALA B 212 -8.51 13.07 17.00
CA ALA B 212 -9.82 12.90 17.59
C ALA B 212 -10.27 14.22 18.19
N LYS B 213 -9.38 15.19 18.46
CA LYS B 213 -9.76 16.49 18.99
C LYS B 213 -9.05 17.59 18.24
N VAL B 214 -9.57 18.80 18.30
CA VAL B 214 -9.01 19.98 17.65
C VAL B 214 -8.85 21.03 18.74
N PRO B 215 -7.70 21.67 18.94
CA PRO B 215 -7.57 22.78 19.87
C PRO B 215 -8.26 24.03 19.31
N LEU B 216 -9.12 24.67 20.08
CA LEU B 216 -9.78 25.86 19.63
C LEU B 216 -9.17 27.07 20.30
N LYS B 217 -9.25 28.23 19.69
CA LYS B 217 -8.75 29.46 20.28
C LYS B 217 -9.32 29.82 21.61
N THR B 218 -10.55 29.44 21.91
CA THR B 218 -11.21 29.77 23.14
C THR B 218 -10.99 28.73 24.22
N ASP B 219 -10.15 27.72 23.99
CA ASP B 219 -9.94 26.71 24.99
C ASP B 219 -9.17 27.32 26.13
N ALA B 220 -9.54 26.85 27.32
CA ALA B 220 -8.91 27.31 28.55
C ALA B 220 -7.42 27.05 28.64
N ASN B 221 -6.94 25.92 28.11
CA ASN B 221 -5.53 25.58 28.12
C ASN B 221 -5.30 24.67 26.93
N ASP B 222 -4.06 24.37 26.68
CA ASP B 222 -3.69 23.53 25.57
C ASP B 222 -3.96 22.05 25.72
N GLN B 223 -4.18 21.56 26.94
CA GLN B 223 -4.43 20.16 27.13
C GLN B 223 -5.79 19.76 26.60
N ILE B 224 -6.76 20.65 26.73
CA ILE B 224 -8.10 20.34 26.30
C ILE B 224 -8.20 19.87 24.87
N GLY B 225 -7.56 20.49 23.88
CA GLY B 225 -7.74 20.01 22.54
C GLY B 225 -6.60 19.13 22.10
N ASP B 226 -5.78 18.57 22.98
CA ASP B 226 -4.66 17.81 22.52
C ASP B 226 -5.04 16.36 22.38
N SER B 227 -4.63 15.68 21.29
CA SER B 227 -4.87 14.26 21.12
C SER B 227 -3.72 13.73 20.29
N LEU B 228 -3.55 12.41 20.29
CA LEU B 228 -2.49 11.73 19.55
C LEU B 228 -2.74 11.74 18.07
N TYR B 229 -1.69 12.02 17.29
CA TYR B 229 -1.81 11.99 15.86
C TYR B 229 -2.10 10.59 15.36
N SER B 230 -3.12 10.51 14.51
CA SER B 230 -3.56 9.33 13.80
C SER B 230 -4.29 8.30 14.65
N ALA B 231 -4.66 8.63 15.88
CA ALA B 231 -5.44 7.73 16.70
C ALA B 231 -6.87 8.17 16.56
N MET B 232 -7.82 7.25 16.73
CA MET B 232 -9.22 7.54 16.56
C MET B 232 -9.89 7.47 17.93
N THR B 233 -10.56 6.38 18.30
CA THR B 233 -11.21 6.27 19.58
C THR B 233 -10.11 5.91 20.57
N VAL B 234 -10.43 6.04 21.84
CA VAL B 234 -9.48 5.74 22.90
C VAL B 234 -9.42 4.24 23.15
N ASP B 235 -10.57 3.59 23.32
CA ASP B 235 -10.58 2.21 23.74
C ASP B 235 -10.64 1.21 22.63
N ASP B 236 -10.76 1.73 21.40
CA ASP B 236 -10.88 0.96 20.18
C ASP B 236 -11.87 -0.18 20.17
N PHE B 237 -11.47 -1.44 20.35
CA PHE B 237 -12.37 -2.56 20.34
C PHE B 237 -12.53 -3.11 21.74
N GLY B 238 -11.95 -2.55 22.79
CA GLY B 238 -12.12 -3.13 24.09
C GLY B 238 -10.99 -4.10 24.40
N VAL B 239 -11.21 -4.87 25.46
CA VAL B 239 -10.19 -5.77 25.95
C VAL B 239 -10.71 -7.17 26.15
N LEU B 240 -9.79 -8.14 26.12
CA LEU B 240 -10.08 -9.51 26.54
C LEU B 240 -9.54 -9.64 27.97
N ALA B 241 -10.35 -10.07 28.94
CA ALA B 241 -9.90 -10.27 30.31
C ALA B 241 -9.82 -11.78 30.47
N VAL B 242 -8.69 -12.34 30.88
CA VAL B 242 -8.50 -13.78 30.99
C VAL B 242 -8.24 -14.13 32.46
N ARG B 243 -8.82 -15.21 33.01
CA ARG B 243 -8.48 -15.65 34.35
C ARG B 243 -8.53 -17.18 34.38
N VAL B 244 -7.94 -17.82 35.37
CA VAL B 244 -8.10 -19.24 35.57
C VAL B 244 -9.30 -19.29 36.52
N VAL B 245 -10.36 -20.06 36.27
CA VAL B 245 -11.55 -20.09 37.11
C VAL B 245 -11.28 -20.84 38.40
N ASN B 246 -10.41 -21.86 38.39
CA ASN B 246 -10.09 -22.67 39.56
C ASN B 246 -9.51 -21.86 40.70
N ASP B 247 -9.77 -22.26 41.94
CA ASP B 247 -9.08 -21.65 43.06
C ASP B 247 -7.67 -22.22 43.01
N HIS B 248 -6.75 -21.59 43.69
CA HIS B 248 -5.38 -22.04 43.63
C HIS B 248 -5.08 -23.38 44.29
N ASN B 249 -4.11 -24.07 43.71
CA ASN B 249 -3.56 -25.28 44.29
C ASN B 249 -2.41 -24.80 45.18
N PRO B 250 -1.80 -25.66 45.98
CA PRO B 250 -0.58 -25.31 46.70
C PRO B 250 0.58 -24.99 45.76
N THR B 251 0.81 -25.72 44.65
CA THR B 251 1.86 -25.35 43.71
C THR B 251 1.29 -24.31 42.74
N LYS B 252 2.13 -23.42 42.28
CA LYS B 252 1.75 -22.39 41.34
C LYS B 252 1.76 -22.96 39.91
N VAL B 253 0.83 -22.55 39.04
CA VAL B 253 0.76 -23.01 37.65
C VAL B 253 0.70 -21.73 36.83
N THR B 254 1.57 -21.59 35.84
CA THR B 254 1.58 -20.46 34.92
C THR B 254 1.04 -20.91 33.56
N SER B 255 0.20 -20.10 32.94
CA SER B 255 -0.32 -20.42 31.63
C SER B 255 -0.11 -19.25 30.71
N LYS B 256 -0.09 -19.54 29.42
CA LYS B 256 -0.07 -18.54 28.38
C LYS B 256 -1.20 -18.82 27.41
N VAL B 257 -1.93 -17.80 27.00
CA VAL B 257 -2.98 -17.93 26.01
C VAL B 257 -2.41 -17.26 24.76
N ARG B 258 -2.28 -17.95 23.64
CA ARG B 258 -1.80 -17.36 22.39
C ARG B 258 -3.03 -17.17 21.54
N ILE B 259 -3.22 -16.00 20.95
CA ILE B 259 -4.41 -15.69 20.18
C ILE B 259 -4.05 -15.59 18.71
N TYR B 260 -4.77 -16.29 17.82
CA TYR B 260 -4.49 -16.28 16.40
C TYR B 260 -5.69 -15.64 15.72
N MET B 261 -5.48 -14.59 14.90
CA MET B 261 -6.56 -13.94 14.19
C MET B 261 -6.53 -14.35 12.73
N LYS B 262 -7.67 -14.63 12.07
CA LYS B 262 -7.70 -14.87 10.64
C LYS B 262 -8.83 -14.02 10.10
N PRO B 263 -8.60 -13.00 9.27
CA PRO B 263 -9.64 -12.25 8.56
C PRO B 263 -10.41 -13.18 7.62
N LYS B 264 -11.74 -13.26 7.59
CA LYS B 264 -12.38 -14.03 6.55
C LYS B 264 -13.48 -13.20 5.92
N HIS B 265 -13.81 -13.46 4.66
CA HIS B 265 -14.82 -12.72 3.88
C HIS B 265 -14.32 -11.28 3.73
N VAL B 266 -13.12 -11.20 3.15
CA VAL B 266 -12.28 -10.02 3.09
C VAL B 266 -12.46 -9.17 1.85
N ARG B 267 -12.61 -7.85 2.01
CA ARG B 267 -12.58 -6.89 0.92
C ARG B 267 -11.56 -5.82 1.35
N VAL B 268 -10.74 -5.28 0.45
CA VAL B 268 -9.73 -4.29 0.80
C VAL B 268 -9.68 -3.18 -0.24
N TRP B 269 -9.31 -1.95 0.14
CA TRP B 269 -9.31 -0.80 -0.77
C TRP B 269 -8.03 0.00 -0.60
N CYS B 270 -7.60 0.60 -1.72
CA CYS B 270 -6.49 1.55 -1.83
C CYS B 270 -5.12 1.02 -1.42
N PRO B 271 -4.41 0.37 -2.33
CA PRO B 271 -3.14 -0.23 -2.02
C PRO B 271 -2.06 0.78 -1.64
N ARG B 272 -1.11 0.34 -0.81
CA ARG B 272 -0.08 1.20 -0.25
C ARG B 272 1.27 0.52 -0.42
N PRO B 273 2.44 1.18 -0.53
CA PRO B 273 3.74 0.54 -0.36
C PRO B 273 3.79 -0.23 0.95
N PRO B 274 4.33 -1.46 1.04
CA PRO B 274 4.51 -2.16 2.31
C PRO B 274 5.58 -1.52 3.23
N ARG B 275 5.46 -1.71 4.55
CA ARG B 275 6.41 -1.22 5.54
C ARG B 275 7.82 -1.72 5.18
N ALA B 276 8.78 -0.80 5.03
CA ALA B 276 10.14 -1.17 4.67
C ALA B 276 11.18 -1.02 5.75
N VAL B 277 10.88 -0.37 6.88
CA VAL B 277 11.85 -0.21 7.96
C VAL B 277 11.13 -0.67 9.22
N PRO B 278 11.76 -1.07 10.32
CA PRO B 278 11.05 -1.60 11.49
C PRO B 278 9.95 -0.69 12.01
N TYR B 279 8.88 -1.32 12.49
CA TYR B 279 7.77 -0.61 13.12
C TYR B 279 8.29 0.01 14.41
N TYR B 280 7.77 1.18 14.80
CA TYR B 280 8.11 1.87 16.03
C TYR B 280 6.78 2.40 16.57
N GLY B 281 6.01 1.51 17.15
CA GLY B 281 4.77 1.90 17.78
C GLY B 281 3.56 1.67 16.90
N PRO B 282 2.36 2.07 17.36
CA PRO B 282 1.14 1.85 16.61
C PRO B 282 0.93 2.86 15.49
N GLY B 283 1.76 3.89 15.31
CA GLY B 283 1.58 4.82 14.23
C GLY B 283 2.57 4.47 13.15
N VAL B 284 2.89 5.41 12.27
CA VAL B 284 3.81 5.11 11.18
C VAL B 284 5.23 5.53 11.50
N ASP B 285 5.50 5.90 12.76
CA ASP B 285 6.79 6.45 13.16
C ASP B 285 7.91 5.46 12.94
N TYR B 286 9.09 5.99 12.70
CA TYR B 286 10.25 5.17 12.54
C TYR B 286 11.31 5.74 13.46
N ARG B 287 12.33 4.92 13.66
CA ARG B 287 13.40 5.30 14.52
C ARG B 287 14.71 4.71 14.06
N ASN B 288 14.89 3.40 14.06
CA ASN B 288 16.15 2.83 13.61
C ASN B 288 16.01 1.86 12.48
N ASN B 289 17.17 1.50 11.95
CA ASN B 289 17.33 0.60 10.83
C ASN B 289 16.63 1.15 9.63
N LEU B 290 16.97 2.41 9.36
CA LEU B 290 16.33 3.12 8.26
C LEU B 290 17.07 2.88 6.97
N ASP B 291 17.81 1.79 6.88
CA ASP B 291 18.63 1.50 5.73
C ASP B 291 18.32 0.12 5.15
N PRO B 292 17.11 -0.13 4.63
CA PRO B 292 16.71 -1.46 4.25
C PRO B 292 17.50 -2.08 3.10
N LEU B 293 18.08 -1.32 2.16
CA LEU B 293 18.72 -1.88 0.98
C LEU B 293 20.19 -2.17 1.16
N SER B 294 20.65 -3.29 0.64
CA SER B 294 22.04 -3.61 0.74
C SER B 294 22.86 -3.09 -0.42
N GLU B 295 24.14 -3.31 -0.37
CA GLU B 295 25.06 -2.76 -1.33
C GLU B 295 25.23 -3.70 -2.49
N LYS B 296 25.28 -3.18 -3.71
CA LYS B 296 25.44 -4.00 -4.89
C LYS B 296 25.99 -3.11 -5.98
N GLY B 297 27.01 -3.49 -6.74
CA GLY B 297 27.56 -2.61 -7.73
C GLY B 297 26.59 -2.39 -8.86
N LEU B 298 26.54 -1.20 -9.42
CA LEU B 298 25.68 -0.86 -10.54
C LEU B 298 25.82 -1.80 -11.73
N THR B 299 27.02 -2.30 -11.99
CA THR B 299 27.19 -3.21 -13.09
C THR B 299 27.54 -4.60 -12.59
N THR B 300 27.10 -5.06 -11.42
CA THR B 300 27.39 -6.41 -10.97
C THR B 300 26.09 -7.20 -11.05
N TYR B 301 26.14 -8.35 -11.72
CA TYR B 301 24.99 -9.23 -11.80
C TYR B 301 24.68 -9.82 -10.43
N ALA C 6 -6.21 16.14 -37.71
CA ALA C 6 -6.74 17.06 -38.72
C ALA C 6 -6.99 18.42 -38.03
N CYS C 7 -8.17 18.80 -37.45
CA CYS C 7 -8.32 20.10 -36.72
C CYS C 7 -7.37 20.28 -35.50
N GLY C 8 -6.87 19.18 -34.85
CA GLY C 8 -5.70 19.32 -33.97
C GLY C 8 -5.78 19.06 -32.46
N TYR C 9 -6.74 18.30 -31.92
CA TYR C 9 -6.79 18.06 -30.47
C TYR C 9 -5.65 17.14 -29.99
N SER C 10 -5.02 17.46 -28.87
CA SER C 10 -3.87 16.74 -28.41
C SER C 10 -4.02 16.43 -26.94
N ASP C 11 -3.46 15.35 -26.42
CA ASP C 11 -3.61 15.12 -24.99
C ASP C 11 -2.56 15.94 -24.22
N ARG C 12 -1.83 16.80 -24.93
CA ARG C 12 -0.90 17.74 -24.36
C ARG C 12 -1.50 19.11 -24.14
N VAL C 13 -2.65 19.43 -24.73
CA VAL C 13 -3.23 20.77 -24.62
C VAL C 13 -4.61 20.61 -24.01
N LEU C 14 -4.85 21.23 -22.84
CA LEU C 14 -6.10 21.08 -22.11
C LEU C 14 -6.62 22.40 -21.59
N GLN C 15 -7.93 22.53 -21.42
CA GLN C 15 -8.49 23.67 -20.73
C GLN C 15 -9.34 23.10 -19.61
N LEU C 16 -9.25 23.59 -18.37
CA LEU C 16 -10.07 23.11 -17.26
C LEU C 16 -10.88 24.32 -16.84
N THR C 17 -12.21 24.30 -16.72
CA THR C 17 -12.98 25.45 -16.28
C THR C 17 -13.84 24.97 -15.12
N LEU C 18 -13.81 25.66 -13.98
CA LEU C 18 -14.62 25.33 -12.84
C LEU C 18 -15.02 26.66 -12.24
N GLY C 19 -16.32 26.92 -12.11
CA GLY C 19 -16.78 28.17 -11.53
C GLY C 19 -16.32 29.30 -12.39
N ASN C 20 -15.68 30.31 -11.83
CA ASN C 20 -15.23 31.44 -12.61
C ASN C 20 -13.75 31.35 -12.96
N SER C 21 -13.12 30.18 -12.94
CA SER C 21 -11.69 30.05 -13.18
C SER C 21 -11.36 29.09 -14.29
N THR C 22 -10.42 29.39 -15.20
CA THR C 22 -10.01 28.50 -16.27
C THR C 22 -8.50 28.34 -16.22
N ILE C 23 -7.99 27.15 -16.51
CA ILE C 23 -6.57 26.86 -16.58
C ILE C 23 -6.30 26.37 -18.00
N THR C 24 -5.23 26.79 -18.63
CA THR C 24 -4.85 26.21 -19.91
C THR C 24 -3.46 25.62 -19.72
N THR C 25 -3.08 24.58 -20.46
CA THR C 25 -1.72 24.11 -20.48
C THR C 25 -1.52 23.64 -21.90
N GLN C 26 -0.32 23.84 -22.43
CA GLN C 26 -0.02 23.41 -23.77
C GLN C 26 1.01 22.29 -23.69
N GLU C 27 1.39 21.79 -22.53
CA GLU C 27 2.37 20.72 -22.41
C GLU C 27 2.03 19.83 -21.24
N ALA C 28 0.84 19.23 -21.31
CA ALA C 28 0.35 18.28 -20.34
C ALA C 28 0.80 16.88 -20.75
N ALA C 29 0.63 15.89 -19.88
CA ALA C 29 0.86 14.50 -20.27
C ALA C 29 -0.46 13.76 -19.95
N ASN C 30 -1.56 14.11 -20.66
CA ASN C 30 -2.89 13.56 -20.44
C ASN C 30 -3.37 13.94 -19.02
N SER C 31 -4.31 13.30 -18.31
CA SER C 31 -4.62 13.65 -16.93
C SER C 31 -5.08 12.40 -16.22
N VAL C 32 -4.91 12.29 -14.92
CA VAL C 32 -5.26 11.08 -14.18
C VAL C 32 -6.57 11.31 -13.46
N VAL C 33 -7.45 10.33 -13.41
CA VAL C 33 -8.66 10.40 -12.61
C VAL C 33 -8.36 9.31 -11.60
N ALA C 34 -8.04 9.63 -10.35
CA ALA C 34 -7.61 8.65 -9.37
C ALA C 34 -8.56 7.48 -9.19
N TYR C 35 -8.00 6.26 -9.26
CA TYR C 35 -8.76 5.02 -9.07
C TYR C 35 -9.92 4.92 -10.06
N GLY C 36 -9.84 5.66 -11.16
CA GLY C 36 -10.85 5.69 -12.18
C GLY C 36 -12.14 6.29 -11.66
N ARG C 37 -12.20 7.07 -10.56
CA ARG C 37 -13.46 7.57 -10.07
C ARG C 37 -13.51 9.06 -10.07
N TRP C 38 -14.48 9.59 -10.79
CA TRP C 38 -14.71 11.01 -10.86
C TRP C 38 -15.46 11.37 -9.58
N PRO C 39 -15.35 12.57 -8.99
CA PRO C 39 -16.06 12.90 -7.77
C PRO C 39 -17.57 12.88 -7.91
N GLU C 40 -18.32 12.70 -6.83
CA GLU C 40 -19.77 12.70 -6.91
C GLU C 40 -20.34 13.02 -5.52
N PHE C 41 -21.61 13.40 -5.48
CA PHE C 41 -22.28 13.69 -4.23
C PHE C 41 -22.75 12.39 -3.59
N ILE C 42 -23.06 12.48 -2.31
CA ILE C 42 -23.54 11.35 -1.54
C ILE C 42 -24.91 11.03 -2.08
N ARG C 43 -25.08 9.76 -2.35
CA ARG C 43 -26.33 9.23 -2.81
C ARG C 43 -27.17 8.93 -1.61
N ASP C 44 -28.47 8.99 -1.77
CA ASP C 44 -29.42 8.72 -0.69
C ASP C 44 -29.24 7.40 -0.01
N ASP C 45 -28.77 6.42 -0.76
CA ASP C 45 -28.60 5.14 -0.17
C ASP C 45 -27.25 4.94 0.45
N GLU C 46 -26.42 5.95 0.40
CA GLU C 46 -25.17 5.95 1.11
C GLU C 46 -25.15 7.09 2.12
N ALA C 47 -26.28 7.79 2.30
CA ALA C 47 -26.33 8.97 3.14
C ALA C 47 -26.32 8.56 4.59
N ASN C 48 -25.77 9.43 5.45
CA ASN C 48 -25.81 9.20 6.88
C ASN C 48 -26.31 10.42 7.69
N PRO C 49 -25.75 11.64 7.85
CA PRO C 49 -26.44 12.74 8.53
C PRO C 49 -27.76 13.00 7.84
N VAL C 50 -28.85 13.29 8.55
CA VAL C 50 -30.15 13.47 7.94
C VAL C 50 -30.51 14.90 7.58
N ASP C 51 -29.80 15.91 8.05
CA ASP C 51 -30.15 17.28 7.71
C ASP C 51 -29.86 17.57 6.24
N GLN C 52 -30.60 18.48 5.61
CA GLN C 52 -30.37 18.89 4.24
C GLN C 52 -28.97 19.49 4.10
N PRO C 53 -28.07 19.02 3.24
CA PRO C 53 -26.74 19.59 3.03
C PRO C 53 -26.74 20.92 2.31
N THR C 54 -25.68 21.73 2.46
CA THR C 54 -25.50 22.90 1.63
C THR C 54 -24.60 22.43 0.52
N GLU C 55 -24.78 22.94 -0.69
CA GLU C 55 -23.89 22.61 -1.78
C GLU C 55 -23.56 23.94 -2.38
N PRO C 56 -22.52 24.68 -1.97
CA PRO C 56 -22.23 26.02 -2.45
C PRO C 56 -21.93 26.04 -3.96
N ASP C 57 -21.58 24.91 -4.57
CA ASP C 57 -21.36 24.82 -5.99
C ASP C 57 -20.29 25.78 -6.50
N VAL C 58 -20.53 26.74 -7.41
CA VAL C 58 -19.50 27.59 -7.98
C VAL C 58 -18.79 28.47 -6.98
N ALA C 59 -19.34 28.72 -5.80
CA ALA C 59 -18.69 29.60 -4.84
C ALA C 59 -17.48 28.94 -4.20
N THR C 60 -17.48 27.59 -4.13
CA THR C 60 -16.38 26.85 -3.53
C THR C 60 -15.68 25.93 -4.51
N CYS C 61 -16.31 25.54 -5.61
CA CYS C 61 -15.71 24.60 -6.54
C CYS C 61 -15.15 25.38 -7.70
N ARG C 62 -13.93 25.85 -7.47
CA ARG C 62 -13.25 26.76 -8.37
C ARG C 62 -11.77 26.62 -8.06
N PHE C 63 -10.86 27.09 -8.90
CA PHE C 63 -9.44 26.93 -8.65
C PHE C 63 -8.84 27.97 -7.72
N TYR C 64 -8.21 27.51 -6.63
CA TYR C 64 -7.49 28.36 -5.69
C TYR C 64 -6.01 28.11 -5.89
N THR C 65 -5.16 29.13 -6.12
CA THR C 65 -3.72 28.96 -6.29
C THR C 65 -3.02 29.24 -4.98
N LEU C 66 -2.22 28.30 -4.51
CA LEU C 66 -1.48 28.42 -3.27
C LEU C 66 -0.22 29.24 -3.53
N ASP C 67 0.52 29.64 -2.51
CA ASP C 67 1.77 30.36 -2.70
C ASP C 67 2.79 29.50 -3.44
N THR C 68 3.50 30.07 -4.41
CA THR C 68 4.52 29.36 -5.17
C THR C 68 5.69 28.90 -4.31
N VAL C 69 6.32 27.75 -4.56
CA VAL C 69 7.52 27.34 -3.83
C VAL C 69 8.62 27.32 -4.88
N MET C 70 9.89 27.36 -4.53
CA MET C 70 10.96 27.37 -5.52
C MET C 70 11.70 26.06 -5.48
N TRP C 71 11.98 25.50 -6.64
CA TRP C 71 12.69 24.25 -6.76
C TRP C 71 14.13 24.64 -7.06
N GLY C 72 15.05 24.29 -6.19
CA GLY C 72 16.45 24.52 -6.43
C GLY C 72 17.15 23.17 -6.38
N LYS C 73 18.44 23.15 -6.67
CA LYS C 73 19.24 21.95 -6.71
C LYS C 73 19.28 21.17 -5.41
N GLU C 74 19.12 21.80 -4.24
CA GLU C 74 19.12 21.05 -3.00
C GLU C 74 17.72 20.83 -2.42
N SER C 75 16.63 21.02 -3.17
CA SER C 75 15.28 20.82 -2.65
C SER C 75 15.02 19.34 -2.47
N LYS C 76 14.40 18.96 -1.36
CA LYS C 76 14.12 17.56 -1.11
C LYS C 76 12.67 17.23 -1.34
N GLY C 77 11.75 18.18 -1.40
CA GLY C 77 10.38 17.86 -1.67
C GLY C 77 9.44 18.66 -0.80
N TRP C 78 8.14 18.59 -1.14
CA TRP C 78 7.12 19.39 -0.51
C TRP C 78 5.91 18.52 -0.28
N TRP C 79 5.07 18.77 0.73
CA TRP C 79 3.86 18.00 0.88
C TRP C 79 2.76 18.94 1.38
N TRP C 80 1.48 18.70 1.05
CA TRP C 80 0.34 19.47 1.51
C TRP C 80 -0.71 18.42 1.87
N LYS C 81 -1.69 18.74 2.70
CA LYS C 81 -2.75 17.80 2.98
C LYS C 81 -4.01 18.50 2.53
N LEU C 82 -5.06 17.75 2.16
CA LEU C 82 -6.36 18.29 1.75
C LEU C 82 -7.41 17.71 2.69
N PRO C 83 -8.42 18.46 3.19
CA PRO C 83 -8.67 19.88 2.88
C PRO C 83 -7.83 20.96 3.51
N ASP C 84 -6.87 20.64 4.38
CA ASP C 84 -6.05 21.63 5.08
C ASP C 84 -5.44 22.73 4.23
N ALA C 85 -4.84 22.44 3.07
CA ALA C 85 -4.22 23.47 2.26
C ALA C 85 -5.20 24.53 1.79
N LEU C 86 -6.51 24.23 1.82
CA LEU C 86 -7.53 25.16 1.36
C LEU C 86 -8.34 25.71 2.51
N ARG C 87 -7.97 25.50 3.76
CA ARG C 87 -8.79 25.93 4.89
C ARG C 87 -9.05 27.42 4.96
N ASP C 88 -8.20 28.23 4.35
CA ASP C 88 -8.38 29.66 4.36
C ASP C 88 -8.74 30.22 3.00
N MET C 89 -9.20 29.37 2.08
CA MET C 89 -9.50 29.80 0.74
C MET C 89 -10.95 30.21 0.58
N GLY C 90 -11.21 31.51 0.50
CA GLY C 90 -12.51 32.07 0.18
C GLY C 90 -13.67 31.42 0.89
N LEU C 91 -14.74 31.12 0.16
CA LEU C 91 -15.90 30.52 0.78
C LEU C 91 -15.73 29.02 0.98
N PHE C 92 -14.70 28.34 0.45
CA PHE C 92 -14.49 26.94 0.78
C PHE C 92 -14.10 26.92 2.26
N GLY C 93 -13.16 27.73 2.73
CA GLY C 93 -12.75 27.73 4.13
C GLY C 93 -13.90 28.07 5.07
N GLN C 94 -14.74 29.04 4.73
CA GLN C 94 -15.88 29.42 5.56
C GLN C 94 -16.87 28.29 5.74
N ASN C 95 -17.24 27.61 4.66
CA ASN C 95 -18.15 26.48 4.74
C ASN C 95 -17.52 25.35 5.54
N MET C 96 -16.24 25.10 5.35
CA MET C 96 -15.51 24.08 6.11
C MET C 96 -15.58 24.35 7.60
N TYR C 97 -15.38 25.59 8.04
CA TYR C 97 -15.39 25.82 9.46
C TYR C 97 -16.76 26.03 10.05
N TYR C 98 -17.79 26.43 9.31
CA TYR C 98 -19.11 26.59 9.87
C TYR C 98 -19.86 25.29 9.99
N HIS C 99 -19.39 24.18 9.43
CA HIS C 99 -20.13 22.95 9.44
C HIS C 99 -19.32 21.87 10.10
N TYR C 100 -19.99 21.05 10.91
CA TYR C 100 -19.36 19.91 11.54
C TYR C 100 -18.81 18.96 10.48
N LEU C 101 -19.54 18.68 9.39
CA LEU C 101 -19.17 17.68 8.41
C LEU C 101 -18.98 18.29 7.04
N GLY C 102 -18.04 17.79 6.24
CA GLY C 102 -17.84 18.32 4.90
C GLY C 102 -17.25 17.23 4.03
N ARG C 103 -17.55 17.23 2.73
CA ARG C 103 -17.07 16.22 1.81
C ARG C 103 -16.70 16.96 0.54
N SER C 104 -15.63 16.56 -0.15
CA SER C 104 -15.20 17.22 -1.36
C SER C 104 -14.21 16.32 -2.10
N GLY C 105 -14.30 16.34 -3.41
CA GLY C 105 -13.28 15.77 -4.28
C GLY C 105 -12.44 16.96 -4.75
N TYR C 106 -11.41 16.83 -5.60
CA TYR C 106 -10.55 17.95 -5.98
C TYR C 106 -9.98 17.79 -7.38
N THR C 107 -9.67 18.84 -8.17
CA THR C 107 -8.79 18.71 -9.34
C THR C 107 -7.50 19.37 -8.84
N VAL C 108 -6.34 18.71 -8.92
CA VAL C 108 -5.06 19.26 -8.53
C VAL C 108 -4.29 19.57 -9.81
N HIS C 109 -3.78 20.78 -10.02
CA HIS C 109 -3.01 21.08 -11.21
C HIS C 109 -1.67 21.63 -10.71
N VAL C 110 -0.55 20.94 -10.94
CA VAL C 110 0.77 21.36 -10.50
C VAL C 110 1.47 21.95 -11.72
N GLN C 111 2.04 23.14 -11.61
CA GLN C 111 2.62 23.88 -12.71
C GLN C 111 4.12 24.08 -12.55
N CYS C 112 4.94 23.69 -13.52
CA CYS C 112 6.37 23.93 -13.43
C CYS C 112 6.92 24.03 -14.85
N ASN C 113 7.20 25.21 -15.42
CA ASN C 113 7.80 25.29 -16.73
C ASN C 113 9.27 25.64 -16.56
N ALA C 114 10.10 25.34 -17.55
CA ALA C 114 11.53 25.56 -17.51
C ALA C 114 11.96 25.85 -18.94
N SER C 115 12.83 25.10 -19.62
CA SER C 115 13.16 25.39 -21.01
C SER C 115 13.68 24.07 -21.57
N LYS C 116 14.00 24.07 -22.85
CA LYS C 116 14.49 22.88 -23.50
C LYS C 116 15.91 22.52 -23.15
N PHE C 117 16.57 23.36 -22.33
CA PHE C 117 17.95 23.15 -21.92
C PHE C 117 18.02 22.89 -20.42
N HIS C 118 16.87 22.85 -19.73
CA HIS C 118 16.84 22.51 -18.31
C HIS C 118 16.48 21.04 -18.20
N GLN C 119 16.75 20.35 -17.10
CA GLN C 119 16.33 18.97 -16.96
C GLN C 119 15.99 18.70 -15.53
N GLY C 120 15.21 17.67 -15.25
CA GLY C 120 14.76 17.36 -13.91
C GLY C 120 13.39 16.70 -14.02
N ALA C 121 12.96 15.97 -13.00
CA ALA C 121 11.68 15.29 -13.04
C ALA C 121 11.11 15.34 -11.64
N LEU C 122 9.90 15.84 -11.48
CA LEU C 122 9.16 15.85 -10.23
C LEU C 122 8.15 14.71 -10.19
N GLY C 123 8.03 13.93 -9.11
CA GLY C 123 6.99 12.94 -8.96
C GLY C 123 5.87 13.62 -8.19
N VAL C 124 4.63 13.62 -8.69
CA VAL C 124 3.48 14.23 -8.00
C VAL C 124 2.58 13.07 -7.59
N PHE C 125 2.42 12.75 -6.29
CA PHE C 125 1.67 11.60 -5.81
C PHE C 125 0.49 12.07 -4.98
N ALA C 126 -0.70 11.49 -5.13
CA ALA C 126 -1.88 11.84 -4.34
C ALA C 126 -2.12 10.61 -3.47
N ILE C 127 -2.04 10.74 -2.15
CA ILE C 127 -2.03 9.59 -1.25
C ILE C 127 -3.23 9.64 -0.32
N PRO C 128 -4.13 8.65 -0.29
CA PRO C 128 -5.25 8.63 0.66
C PRO C 128 -4.66 8.37 2.04
N GLU C 129 -5.15 9.05 3.07
CA GLU C 129 -4.67 8.88 4.44
C GLU C 129 -3.15 8.95 4.55
N TYR C 130 -2.54 10.07 4.19
CA TYR C 130 -1.09 10.14 4.17
C TYR C 130 -0.56 10.39 5.57
N CYS C 131 -0.43 9.36 6.40
CA CYS C 131 0.11 9.53 7.74
C CYS C 131 1.61 9.74 7.62
N LEU C 132 2.16 10.76 8.29
CA LEU C 132 3.58 11.07 8.26
C LEU C 132 4.25 10.73 9.59
N ALA C 133 5.55 10.45 9.60
CA ALA C 133 6.24 10.08 10.82
C ALA C 133 6.74 11.28 11.62
N GLY C 134 6.84 11.10 12.93
CA GLY C 134 7.21 12.18 13.82
C GLY C 134 8.72 12.36 13.97
N ASP C 135 9.09 13.36 14.76
CA ASP C 135 10.48 13.71 14.99
C ASP C 135 11.04 13.17 16.30
N SER C 136 10.46 12.27 17.07
CA SER C 136 11.09 11.95 18.33
C SER C 136 10.84 10.53 18.72
N ASP C 137 11.31 10.19 19.91
CA ASP C 137 11.05 8.91 20.53
C ASP C 137 9.62 8.73 20.93
N LYS C 138 8.85 9.82 21.04
CA LYS C 138 7.49 9.67 21.47
C LYS C 138 6.65 9.35 20.26
N GLN C 139 5.76 8.38 20.34
CA GLN C 139 5.03 7.97 19.18
C GLN C 139 3.75 8.75 19.07
N ARG C 140 3.39 9.11 17.83
CA ARG C 140 2.11 9.74 17.50
C ARG C 140 1.90 11.03 18.24
N TYR C 141 2.97 11.77 18.29
CA TYR C 141 3.01 12.95 19.10
C TYR C 141 3.03 14.23 18.32
N THR C 142 3.00 14.24 16.99
CA THR C 142 2.95 15.52 16.27
C THR C 142 1.67 16.24 16.64
N SER C 143 1.78 17.51 16.95
CA SER C 143 0.62 18.25 17.37
C SER C 143 -0.28 18.65 16.20
N TYR C 144 -1.54 18.97 16.48
CA TYR C 144 -2.47 19.42 15.48
C TYR C 144 -1.92 20.59 14.69
N ALA C 145 -1.41 21.66 15.30
CA ALA C 145 -0.92 22.79 14.54
C ALA C 145 0.26 22.47 13.64
N ASN C 146 1.07 21.49 13.99
CA ASN C 146 2.23 21.14 13.19
C ASN C 146 1.95 20.16 12.08
N ALA C 147 0.95 19.32 12.32
CA ALA C 147 0.52 18.36 11.32
C ALA C 147 -0.24 19.08 10.22
N ASN C 148 -0.76 20.29 10.47
CA ASN C 148 -1.61 20.99 9.53
C ASN C 148 -0.99 22.31 9.14
N PRO C 149 -0.05 22.39 8.21
CA PRO C 149 0.59 23.64 7.82
C PRO C 149 -0.26 24.54 6.95
N GLY C 150 -1.47 24.20 6.54
CA GLY C 150 -2.21 25.06 5.64
C GLY C 150 -1.56 25.11 4.27
N GLU C 151 -1.69 26.23 3.57
CA GLU C 151 -1.19 26.32 2.22
C GLU C 151 0.31 26.36 2.04
N ARG C 152 0.96 26.57 3.15
CA ARG C 152 2.39 26.61 3.26
C ARG C 152 3.00 25.22 3.01
N GLY C 153 2.28 24.18 3.43
CA GLY C 153 2.74 22.82 3.27
C GLY C 153 3.95 22.54 4.12
N GLY C 154 4.63 21.44 3.89
CA GLY C 154 5.81 21.09 4.64
C GLY C 154 6.87 20.66 3.66
N LYS C 155 7.96 20.12 4.19
CA LYS C 155 9.09 19.71 3.38
C LYS C 155 9.56 18.33 3.78
N PHE C 156 10.36 17.71 2.93
CA PHE C 156 10.96 16.43 3.22
C PHE C 156 12.41 16.68 3.60
N TYR C 157 13.05 15.71 4.21
CA TYR C 157 14.45 15.75 4.58
C TYR C 157 15.09 14.51 4.06
N SER C 158 16.39 14.55 3.98
CA SER C 158 17.19 13.42 3.58
C SER C 158 17.50 12.50 4.70
N GLN C 159 17.28 12.88 5.95
CA GLN C 159 17.59 11.98 7.03
C GLN C 159 16.81 12.32 8.26
N PHE C 160 16.74 11.30 9.13
CA PHE C 160 16.00 11.41 10.35
C PHE C 160 16.83 12.19 11.34
N ASN C 161 16.31 13.36 11.66
CA ASN C 161 16.89 14.26 12.65
C ASN C 161 15.94 14.16 13.83
N LYS C 162 16.29 13.40 14.88
CA LYS C 162 15.40 13.28 16.03
C LYS C 162 15.43 14.54 16.89
N ASP C 163 14.26 15.10 17.21
CA ASP C 163 14.16 16.16 18.20
C ASP C 163 14.52 15.60 19.57
N ASN C 164 15.57 16.28 20.02
CA ASN C 164 16.14 15.98 21.33
C ASN C 164 15.83 16.88 22.49
N ALA C 165 15.27 18.10 22.29
CA ALA C 165 14.94 18.98 23.40
C ALA C 165 13.76 18.39 24.17
N VAL C 166 14.01 17.31 24.91
CA VAL C 166 13.02 16.59 25.76
C VAL C 166 12.98 17.54 26.98
N THR C 167 12.04 18.49 26.87
CA THR C 167 11.87 19.64 27.79
C THR C 167 10.80 20.52 27.09
N SER C 168 11.08 20.84 25.81
CA SER C 168 10.18 21.65 25.00
C SER C 168 10.23 21.02 23.59
N PRO C 169 9.57 19.84 23.47
CA PRO C 169 9.67 19.06 22.25
C PRO C 169 9.00 19.84 21.12
N LYS C 170 9.54 19.79 19.92
CA LYS C 170 8.92 20.47 18.82
C LYS C 170 7.61 19.88 18.34
N ARG C 171 7.40 18.56 18.49
CA ARG C 171 6.19 17.86 18.06
C ARG C 171 5.85 18.10 16.59
N GLU C 172 6.87 17.90 15.77
CA GLU C 172 6.77 18.06 14.34
C GLU C 172 6.95 16.75 13.62
N PHE C 173 6.57 16.70 12.36
CA PHE C 173 6.85 15.55 11.54
C PHE C 173 8.33 15.59 11.14
N CYS C 174 8.99 14.47 10.82
CA CYS C 174 10.31 14.51 10.23
C CYS C 174 10.22 13.60 9.01
N PRO C 175 9.65 14.02 7.86
CA PRO C 175 9.45 13.16 6.70
C PRO C 175 10.75 12.90 5.98
N VAL C 176 11.30 11.69 5.99
CA VAL C 176 12.52 11.41 5.24
C VAL C 176 12.08 11.03 3.83
N ASP C 177 12.69 11.66 2.82
CA ASP C 177 12.31 11.53 1.43
C ASP C 177 12.35 10.13 0.83
N TYR C 178 13.42 9.33 0.90
CA TYR C 178 13.41 8.03 0.26
C TYR C 178 12.50 7.06 1.02
N LEU C 179 12.01 7.42 2.21
CA LEU C 179 11.05 6.61 2.93
C LEU C 179 9.62 7.17 2.81
N LEU C 180 9.35 8.09 1.88
CA LEU C 180 8.08 8.79 1.62
C LEU C 180 7.51 9.42 2.90
N GLY C 181 8.36 9.73 3.89
CA GLY C 181 7.96 10.32 5.14
C GLY C 181 7.20 9.37 6.04
N CYS C 182 7.11 8.08 5.72
CA CYS C 182 6.26 7.21 6.51
C CYS C 182 6.69 5.77 6.57
N GLY C 183 7.96 5.46 6.30
CA GLY C 183 8.47 4.14 6.60
C GLY C 183 8.30 3.15 5.48
N VAL C 184 8.04 3.58 4.26
CA VAL C 184 7.89 2.69 3.13
C VAL C 184 8.91 3.13 2.09
N LEU C 185 9.24 2.48 0.97
CA LEU C 185 10.25 3.05 0.08
C LEU C 185 9.58 3.94 -0.96
N LEU C 186 10.14 5.12 -1.19
CA LEU C 186 9.61 6.08 -2.15
C LEU C 186 9.34 5.46 -3.51
N GLY C 187 10.12 4.50 -3.99
CA GLY C 187 9.92 3.90 -5.29
C GLY C 187 8.59 3.20 -5.47
N ASN C 188 7.95 2.78 -4.39
CA ASN C 188 6.69 2.11 -4.49
C ASN C 188 5.54 3.08 -4.40
N ALA C 189 5.78 4.40 -4.28
CA ALA C 189 4.72 5.39 -4.22
C ALA C 189 3.92 5.43 -5.51
N PHE C 190 4.44 4.84 -6.58
CA PHE C 190 3.75 4.76 -7.86
C PHE C 190 2.49 3.90 -7.79
N VAL C 191 2.19 3.15 -6.73
CA VAL C 191 0.88 2.50 -6.62
C VAL C 191 -0.20 3.51 -6.29
N TYR C 192 0.16 4.75 -5.93
CA TYR C 192 -0.79 5.79 -5.64
C TYR C 192 -1.05 6.54 -6.93
N PRO C 193 -2.21 7.17 -7.17
CA PRO C 193 -2.44 8.02 -8.34
C PRO C 193 -1.35 9.06 -8.47
N HIS C 194 -0.75 9.27 -9.65
CA HIS C 194 0.41 10.15 -9.75
C HIS C 194 0.63 10.57 -11.19
N GLN C 195 1.45 11.58 -11.42
CA GLN C 195 1.98 11.89 -12.73
C GLN C 195 3.42 12.28 -12.50
N ILE C 196 4.27 12.42 -13.50
CA ILE C 196 5.64 12.91 -13.33
C ILE C 196 5.71 14.18 -14.17
N ILE C 197 6.28 15.28 -13.68
CA ILE C 197 6.53 16.42 -14.56
C ILE C 197 8.01 16.23 -14.89
N ASN C 198 8.32 15.74 -16.08
CA ASN C 198 9.68 15.54 -16.49
C ASN C 198 9.89 16.72 -17.41
N LEU C 199 10.81 17.65 -17.12
CA LEU C 199 10.88 18.89 -17.85
C LEU C 199 11.07 18.78 -19.34
N ARG C 200 11.75 17.76 -19.89
CA ARG C 200 11.83 17.61 -21.33
C ARG C 200 10.49 17.25 -21.96
N THR C 201 9.53 16.73 -21.21
CA THR C 201 8.25 16.26 -21.73
C THR C 201 7.08 17.18 -21.42
N ASN C 202 6.88 17.63 -20.17
CA ASN C 202 5.66 18.34 -19.84
C ASN C 202 5.95 19.41 -18.80
N ASN C 203 5.03 20.34 -18.66
CA ASN C 203 5.21 21.39 -17.72
C ASN C 203 4.11 21.40 -16.71
N SER C 204 3.24 20.39 -16.66
CA SER C 204 2.19 20.36 -15.64
C SER C 204 1.74 18.94 -15.40
N ALA C 205 1.05 18.70 -14.28
CA ALA C 205 0.45 17.43 -13.93
C ALA C 205 -0.98 17.76 -13.53
N THR C 206 -2.01 17.04 -13.98
CA THR C 206 -3.39 17.26 -13.58
C THR C 206 -3.92 15.92 -13.05
N ILE C 207 -4.46 15.89 -11.82
CA ILE C 207 -4.96 14.69 -11.19
C ILE C 207 -6.33 15.02 -10.60
N VAL C 208 -7.39 14.27 -10.94
CA VAL C 208 -8.73 14.48 -10.40
C VAL C 208 -8.89 13.48 -9.27
N LEU C 209 -9.32 13.92 -8.08
CA LEU C 209 -9.38 13.07 -6.90
C LEU C 209 -10.81 12.93 -6.46
N PRO C 210 -11.41 11.75 -6.41
CA PRO C 210 -12.69 11.55 -5.77
C PRO C 210 -12.56 11.73 -4.25
N TYR C 211 -13.63 11.90 -3.50
CA TYR C 211 -13.53 11.84 -2.04
C TYR C 211 -13.24 10.37 -1.69
N VAL C 212 -12.22 10.04 -0.89
CA VAL C 212 -11.93 8.69 -0.48
C VAL C 212 -11.91 8.78 1.04
N ASN C 213 -12.63 7.88 1.71
CA ASN C 213 -12.65 7.78 3.16
C ASN C 213 -13.41 6.50 3.49
N ALA C 214 -13.41 6.02 4.73
CA ALA C 214 -14.17 4.83 5.12
C ALA C 214 -15.59 5.20 5.54
N LEU C 215 -15.99 6.44 5.28
CA LEU C 215 -17.25 7.03 5.68
C LEU C 215 -17.70 7.86 4.50
N ALA C 216 -18.99 8.10 4.33
CA ALA C 216 -19.48 8.97 3.28
C ALA C 216 -19.16 10.43 3.56
N ILE C 217 -19.12 10.93 4.80
CA ILE C 217 -18.77 12.31 5.07
C ILE C 217 -18.08 12.30 6.44
N ASP C 218 -17.21 13.25 6.75
CA ASP C 218 -16.45 13.27 7.98
C ASP C 218 -16.15 14.73 8.34
N SER C 219 -15.46 14.93 9.45
CA SER C 219 -15.02 16.22 9.89
C SER C 219 -13.82 16.64 9.08
N MET C 220 -13.90 17.74 8.34
CA MET C 220 -12.77 18.22 7.59
C MET C 220 -11.70 18.85 8.45
N VAL C 221 -12.09 19.37 9.62
CA VAL C 221 -11.19 20.01 10.55
C VAL C 221 -10.31 19.00 11.27
N LYS C 222 -10.85 17.82 11.58
CA LYS C 222 -10.09 16.81 12.27
C LYS C 222 -9.29 15.89 11.37
N HIS C 223 -9.71 15.71 10.13
CA HIS C 223 -9.17 14.66 9.29
C HIS C 223 -8.81 15.09 7.90
N ASN C 224 -7.62 14.79 7.39
CA ASN C 224 -7.27 15.11 6.01
C ASN C 224 -7.44 13.82 5.22
N ASN C 225 -8.09 13.89 4.06
CA ASN C 225 -8.43 12.72 3.26
C ASN C 225 -7.29 12.35 2.33
N TRP C 226 -6.66 13.36 1.74
CA TRP C 226 -5.61 13.18 0.75
C TRP C 226 -4.36 13.97 1.11
N GLY C 227 -3.18 13.46 0.77
CA GLY C 227 -1.94 14.21 0.88
C GLY C 227 -1.40 14.36 -0.53
N ILE C 228 -0.72 15.44 -0.85
CA ILE C 228 -0.12 15.67 -2.16
C ILE C 228 1.37 15.67 -1.83
N ALA C 229 2.20 14.81 -2.42
CA ALA C 229 3.63 14.80 -2.14
C ALA C 229 4.37 15.09 -3.44
N ILE C 230 5.25 16.09 -3.53
CA ILE C 230 5.98 16.38 -4.75
C ILE C 230 7.44 16.21 -4.38
N LEU C 231 8.13 15.26 -4.99
CA LEU C 231 9.54 15.02 -4.70
C LEU C 231 10.38 15.08 -5.97
N PRO C 232 11.60 15.64 -6.02
CA PRO C 232 12.45 15.61 -7.21
C PRO C 232 12.92 14.18 -7.46
N LEU C 233 12.37 13.47 -8.44
CA LEU C 233 12.84 12.12 -8.72
C LEU C 233 14.19 12.26 -9.40
N SER C 234 14.39 13.34 -10.13
CA SER C 234 15.67 13.60 -10.73
C SER C 234 15.88 15.08 -10.50
N PRO C 235 17.00 15.52 -9.93
CA PRO C 235 17.20 16.90 -9.47
C PRO C 235 17.31 17.93 -10.57
N LEU C 236 17.02 19.18 -10.26
CA LEU C 236 17.01 20.24 -11.25
C LEU C 236 18.41 20.52 -11.74
N ASP C 237 18.58 20.71 -13.03
CA ASP C 237 19.87 21.10 -13.54
C ASP C 237 19.75 21.97 -14.78
N PHE C 238 20.72 22.84 -15.01
CA PHE C 238 20.62 23.75 -16.11
C PHE C 238 22.02 24.13 -16.52
N ALA C 239 22.22 24.22 -17.86
CA ALA C 239 23.45 24.67 -18.50
C ALA C 239 24.58 24.14 -17.68
N GLN C 240 25.36 24.97 -16.99
CA GLN C 240 26.39 24.39 -16.12
C GLN C 240 26.35 25.13 -14.79
N ASP C 241 25.28 25.94 -14.61
CA ASP C 241 25.09 26.74 -13.42
C ASP C 241 24.72 25.77 -12.31
N SER C 242 25.27 26.19 -11.18
CA SER C 242 25.14 25.50 -9.92
C SER C 242 24.01 26.06 -9.03
N SER C 243 23.28 27.14 -9.42
CA SER C 243 22.18 27.57 -8.55
C SER C 243 20.91 27.96 -9.30
N VAL C 244 20.57 27.11 -10.26
CA VAL C 244 19.31 27.29 -10.94
C VAL C 244 18.15 27.11 -9.93
N GLU C 245 17.08 27.90 -10.04
CA GLU C 245 15.83 27.75 -9.31
C GLU C 245 14.64 27.98 -10.23
N ILE C 246 13.57 27.20 -10.21
CA ILE C 246 12.39 27.54 -11.02
C ILE C 246 11.18 27.35 -10.12
N PRO C 247 10.09 28.10 -10.28
CA PRO C 247 8.90 28.02 -9.44
C PRO C 247 8.13 26.71 -9.61
N ILE C 248 7.38 26.29 -8.59
CA ILE C 248 6.42 25.21 -8.72
C ILE C 248 5.15 25.84 -8.15
N THR C 249 4.03 25.93 -8.87
CA THR C 249 2.79 26.51 -8.35
C THR C 249 1.72 25.43 -8.32
N VAL C 250 0.95 25.32 -7.25
CA VAL C 250 -0.06 24.28 -7.08
C VAL C 250 -1.41 24.97 -7.08
N THR C 251 -2.32 24.59 -7.96
CA THR C 251 -3.64 25.19 -8.02
C THR C 251 -4.60 24.01 -7.79
N ILE C 252 -5.57 24.13 -6.85
CA ILE C 252 -6.45 23.02 -6.49
C ILE C 252 -7.87 23.53 -6.50
N ALA C 253 -8.84 22.77 -6.99
CA ALA C 253 -10.24 23.18 -6.96
C ALA C 253 -11.06 22.13 -6.25
N PRO C 254 -11.82 22.44 -5.19
CA PRO C 254 -12.84 21.57 -4.62
C PRO C 254 -13.82 21.13 -5.70
N MET C 255 -14.39 19.93 -5.62
CA MET C 255 -15.38 19.44 -6.55
C MET C 255 -16.46 18.69 -5.78
N CYS C 256 -17.73 18.85 -6.14
CA CYS C 256 -18.86 18.22 -5.48
C CYS C 256 -18.85 18.37 -3.97
N SER C 257 -18.65 19.60 -3.51
CA SER C 257 -18.62 19.92 -2.10
C SER C 257 -19.98 19.86 -1.44
N GLU C 258 -20.18 19.13 -0.35
CA GLU C 258 -21.42 19.24 0.38
C GLU C 258 -21.06 19.19 1.86
N PHE C 259 -21.85 19.90 2.66
CA PHE C 259 -21.56 20.13 4.06
C PHE C 259 -22.82 19.86 4.85
N ASN C 260 -22.68 19.36 6.07
CA ASN C 260 -23.79 19.05 6.94
C ASN C 260 -23.42 19.48 8.34
N GLY C 261 -24.42 19.79 9.18
CA GLY C 261 -24.23 20.07 10.58
C GLY C 261 -23.83 21.50 10.85
N LEU C 262 -24.63 22.48 10.42
CA LEU C 262 -24.32 23.88 10.60
C LEU C 262 -24.45 24.35 12.03
N ARG C 263 -23.53 25.19 12.51
CA ARG C 263 -23.66 25.82 13.81
C ARG C 263 -22.72 27.02 13.83
N ASN C 264 -22.17 27.43 14.97
CA ASN C 264 -21.25 28.54 15.01
C ASN C 264 -19.91 28.10 14.43
N VAL C 265 -19.04 29.03 14.05
CA VAL C 265 -17.79 28.70 13.38
C VAL C 265 -16.71 28.13 14.27
N THR C 266 -16.01 27.11 13.77
CA THR C 266 -14.83 26.55 14.41
C THR C 266 -13.67 27.52 14.24
N ALA C 267 -12.95 27.83 15.31
CA ALA C 267 -11.77 28.67 15.20
C ALA C 267 -10.62 27.89 15.81
N PRO C 268 -9.84 27.10 15.04
CA PRO C 268 -8.75 26.30 15.56
C PRO C 268 -7.63 27.20 16.10
N LYS C 269 -6.86 26.69 17.02
CA LYS C 269 -5.74 27.44 17.53
C LYS C 269 -4.51 26.94 16.80
N PHE C 270 -3.97 27.80 15.95
CA PHE C 270 -2.80 27.44 15.19
C PHE C 270 -1.58 28.09 15.79
N GLN C 271 -1.73 29.27 16.35
CA GLN C 271 -0.67 30.00 17.02
C GLN C 271 -1.29 30.50 18.33
N GLY D 1 -28.16 -41.08 19.42
CA GLY D 1 -26.79 -41.46 19.60
C GLY D 1 -26.35 -41.89 18.20
N LEU D 2 -26.05 -41.04 17.21
CA LEU D 2 -25.55 -41.57 15.93
C LEU D 2 -24.18 -42.19 16.22
N PRO D 3 -23.91 -43.45 15.91
CA PRO D 3 -22.59 -44.01 16.17
C PRO D 3 -21.52 -43.30 15.32
N VAL D 4 -20.40 -42.78 15.87
CA VAL D 4 -19.36 -42.07 15.14
C VAL D 4 -18.00 -42.68 15.48
N LEU D 5 -16.96 -42.48 14.65
CA LEU D 5 -15.64 -43.00 14.92
C LEU D 5 -14.70 -41.85 14.57
N ASN D 6 -13.89 -41.38 15.50
CA ASN D 6 -12.97 -40.27 15.29
C ASN D 6 -11.74 -40.66 14.49
N THR D 7 -11.38 -39.90 13.46
CA THR D 7 -10.25 -40.27 12.62
C THR D 7 -8.98 -39.53 13.01
N PRO D 8 -7.78 -39.90 12.53
CA PRO D 8 -6.58 -39.07 12.67
C PRO D 8 -6.89 -37.64 12.24
N GLY D 9 -6.31 -36.70 12.96
CA GLY D 9 -6.52 -35.31 12.70
C GLY D 9 -7.46 -34.75 13.74
N SER D 10 -8.30 -35.55 14.39
CA SER D 10 -9.21 -35.07 15.39
C SER D 10 -8.57 -34.20 16.45
N ASN D 11 -9.13 -33.02 16.69
CA ASN D 11 -8.71 -32.06 17.73
C ASN D 11 -7.42 -31.31 17.44
N GLN D 12 -6.90 -31.38 16.21
CA GLN D 12 -5.70 -30.62 15.88
C GLN D 12 -6.15 -29.21 15.53
N TYR D 13 -5.22 -28.25 15.41
CA TYR D 13 -5.55 -26.95 14.86
C TYR D 13 -4.58 -26.71 13.71
N LEU D 14 -5.04 -26.70 12.46
CA LEU D 14 -4.20 -26.39 11.33
C LEU D 14 -4.45 -24.90 11.04
N THR D 15 -3.47 -23.98 11.09
CA THR D 15 -3.73 -22.57 10.88
C THR D 15 -4.21 -22.20 9.49
N SER D 16 -4.13 -23.08 8.49
CA SER D 16 -4.72 -22.80 7.20
C SER D 16 -6.03 -23.56 6.96
N ASP D 17 -6.72 -24.03 8.01
CA ASP D 17 -7.95 -24.76 7.78
C ASP D 17 -9.02 -23.76 7.41
N ASN D 18 -10.22 -24.22 7.12
CA ASN D 18 -11.26 -23.34 6.72
C ASN D 18 -12.56 -23.91 7.26
N HIS D 19 -12.94 -23.61 8.50
CA HIS D 19 -14.12 -24.19 9.12
C HIS D 19 -15.00 -23.13 9.73
N GLN D 20 -16.21 -23.52 10.10
CA GLN D 20 -17.17 -22.65 10.74
C GLN D 20 -16.91 -22.64 12.24
N SER D 21 -17.37 -21.60 12.93
CA SER D 21 -17.25 -21.55 14.38
C SER D 21 -18.37 -20.66 14.89
N PRO D 22 -18.82 -20.77 16.16
CA PRO D 22 -19.94 -20.01 16.68
C PRO D 22 -19.66 -18.53 16.66
N CYS D 23 -20.64 -17.69 16.38
CA CYS D 23 -20.45 -16.25 16.39
C CYS D 23 -20.60 -15.73 17.81
N ALA D 24 -19.59 -15.01 18.30
CA ALA D 24 -19.59 -14.52 19.66
C ALA D 24 -20.50 -13.33 19.89
N ILE D 25 -20.85 -12.54 18.88
CA ILE D 25 -21.75 -11.40 19.06
C ILE D 25 -22.91 -11.65 18.09
N PRO D 26 -23.90 -12.49 18.42
CA PRO D 26 -25.00 -12.81 17.52
C PRO D 26 -25.93 -11.65 17.29
N GLU D 27 -26.53 -11.60 16.10
CA GLU D 27 -27.54 -10.63 15.72
C GLU D 27 -27.07 -9.18 15.71
N PHE D 28 -25.77 -9.00 15.54
CA PHE D 28 -25.18 -7.69 15.50
C PHE D 28 -25.65 -6.98 14.23
N ASP D 29 -25.97 -5.71 14.34
CA ASP D 29 -26.41 -4.94 13.21
C ASP D 29 -25.19 -4.39 12.47
N VAL D 30 -24.64 -5.12 11.50
CA VAL D 30 -23.46 -4.72 10.75
C VAL D 30 -23.64 -3.43 9.95
N THR D 31 -22.68 -2.50 9.92
CA THR D 31 -22.75 -1.31 9.09
C THR D 31 -22.62 -1.78 7.64
N PRO D 32 -23.52 -1.43 6.71
CA PRO D 32 -23.41 -1.83 5.32
C PRO D 32 -22.21 -1.21 4.62
N PRO D 33 -21.71 -1.73 3.51
CA PRO D 33 -20.59 -1.15 2.79
C PRO D 33 -20.99 0.09 2.02
N ILE D 34 -20.02 0.90 1.60
CA ILE D 34 -20.29 1.95 0.67
C ILE D 34 -19.26 1.68 -0.40
N ASP D 35 -19.42 2.34 -1.52
CA ASP D 35 -18.52 2.13 -2.62
C ASP D 35 -17.26 2.97 -2.52
N ILE D 36 -16.22 2.46 -1.89
CA ILE D 36 -14.98 3.21 -1.74
C ILE D 36 -14.21 3.01 -3.06
N PRO D 37 -13.61 4.04 -3.68
CA PRO D 37 -12.71 3.89 -4.83
C PRO D 37 -11.53 3.02 -4.49
N GLY D 38 -10.94 2.31 -5.44
CA GLY D 38 -9.68 1.67 -5.19
C GLY D 38 -9.75 0.26 -4.69
N GLU D 39 -10.82 -0.51 -4.91
CA GLU D 39 -10.88 -1.87 -4.41
C GLU D 39 -9.92 -2.79 -5.14
N VAL D 40 -9.28 -3.74 -4.42
CA VAL D 40 -8.33 -4.69 -4.98
C VAL D 40 -8.93 -6.08 -4.83
N LYS D 41 -8.86 -6.94 -5.86
CA LYS D 41 -9.38 -8.29 -5.79
C LYS D 41 -8.31 -9.34 -5.75
N ASN D 42 -7.09 -9.08 -6.25
CA ASN D 42 -6.05 -10.07 -6.31
C ASN D 42 -4.70 -9.38 -6.07
N MET D 43 -3.76 -9.93 -5.31
CA MET D 43 -2.46 -9.31 -5.04
C MET D 43 -1.66 -9.14 -6.31
N MET D 44 -1.89 -9.95 -7.35
CA MET D 44 -1.17 -9.75 -8.59
C MET D 44 -1.53 -8.44 -9.27
N GLU D 45 -2.67 -7.80 -8.93
CA GLU D 45 -2.97 -6.49 -9.49
C GLU D 45 -1.91 -5.48 -9.06
N LEU D 46 -1.30 -5.64 -7.87
CA LEU D 46 -0.32 -4.70 -7.36
C LEU D 46 1.00 -4.94 -8.04
N ALA D 47 1.33 -6.19 -8.39
CA ALA D 47 2.58 -6.48 -9.10
C ALA D 47 2.55 -5.99 -10.55
N GLU D 48 1.39 -5.62 -11.08
CA GLU D 48 1.27 -5.11 -12.43
C GLU D 48 1.42 -3.62 -12.56
N ILE D 49 1.53 -2.89 -11.44
CA ILE D 49 1.71 -1.46 -11.43
C ILE D 49 3.23 -1.26 -11.46
N ASP D 50 3.75 -0.45 -12.38
CA ASP D 50 5.14 -0.06 -12.40
C ASP D 50 5.56 0.60 -11.09
N THR D 51 6.64 0.15 -10.44
CA THR D 51 7.22 0.87 -9.31
C THR D 51 8.69 1.03 -9.66
N MET D 52 9.32 2.08 -9.14
CA MET D 52 10.67 2.45 -9.51
C MET D 52 11.73 1.55 -8.90
N ILE D 53 12.69 1.12 -9.70
CA ILE D 53 13.71 0.19 -9.28
C ILE D 53 14.86 0.92 -8.58
N PRO D 54 15.34 0.55 -7.38
CA PRO D 54 16.57 1.10 -6.80
C PRO D 54 17.75 0.47 -7.52
N LEU D 55 18.08 0.97 -8.72
CA LEU D 55 19.12 0.40 -9.57
C LEU D 55 20.55 0.63 -9.13
N ASN D 56 20.76 1.64 -8.32
CA ASN D 56 22.08 2.08 -7.94
C ASN D 56 22.33 1.89 -6.45
N LEU D 57 22.79 0.71 -6.06
CA LEU D 57 22.97 0.40 -4.65
C LEU D 57 24.43 0.42 -4.27
N GLU D 58 25.19 1.29 -4.92
CA GLU D 58 26.58 1.51 -4.58
C GLU D 58 26.56 2.15 -3.19
N SER D 59 27.68 1.96 -2.53
CA SER D 59 27.98 2.43 -1.20
C SER D 59 27.32 3.67 -0.64
N THR D 60 27.52 4.74 -1.37
CA THR D 60 27.04 6.05 -0.98
C THR D 60 25.65 6.37 -1.48
N LYS D 61 25.11 5.51 -2.34
CA LYS D 61 23.85 5.75 -3.00
C LYS D 61 22.77 4.94 -2.36
N ARG D 62 23.03 3.73 -1.89
CA ARG D 62 21.97 2.91 -1.35
C ARG D 62 21.34 3.62 -0.18
N ASN D 63 20.02 3.54 -0.08
CA ASN D 63 19.24 4.15 0.98
C ASN D 63 19.29 5.65 0.98
N THR D 64 19.34 6.24 -0.22
CA THR D 64 19.22 7.67 -0.40
C THR D 64 18.37 7.80 -1.66
N MET D 65 17.92 9.01 -2.01
CA MET D 65 17.20 9.20 -3.24
C MET D 65 18.06 8.83 -4.42
N ASP D 66 19.39 8.84 -4.29
CA ASP D 66 20.22 8.49 -5.41
C ASP D 66 20.20 7.03 -5.77
N MET D 67 19.65 6.11 -4.98
CA MET D 67 19.63 4.72 -5.41
C MET D 67 18.70 4.52 -6.60
N TYR D 68 17.82 5.47 -6.90
CA TYR D 68 16.90 5.38 -8.01
C TYR D 68 17.49 6.02 -9.26
N ARG D 69 18.66 6.66 -9.23
CA ARG D 69 19.12 7.41 -10.39
C ARG D 69 20.31 6.76 -11.04
N VAL D 70 20.30 6.48 -12.35
CA VAL D 70 21.47 5.94 -13.03
C VAL D 70 21.94 7.09 -13.89
N THR D 71 23.21 7.45 -13.81
CA THR D 71 23.73 8.58 -14.55
C THR D 71 24.13 8.17 -15.95
N LEU D 72 23.62 8.91 -16.92
CA LEU D 72 24.03 8.72 -18.30
C LEU D 72 24.85 9.97 -18.61
N SER D 73 25.84 9.93 -19.49
CA SER D 73 26.51 11.15 -19.86
C SER D 73 27.13 11.03 -21.23
N ASP D 74 27.43 12.16 -21.87
CA ASP D 74 28.02 12.11 -23.21
C ASP D 74 29.48 11.72 -23.20
N SER D 75 30.12 11.56 -22.05
CA SER D 75 31.51 11.14 -22.02
C SER D 75 31.67 9.78 -21.39
N ALA D 76 30.59 9.01 -21.21
CA ALA D 76 30.69 7.70 -20.64
C ALA D 76 31.56 6.81 -21.50
N ASP D 77 32.22 5.83 -20.92
CA ASP D 77 32.99 4.88 -21.66
C ASP D 77 31.99 4.01 -22.42
N LEU D 78 31.94 4.11 -23.74
CA LEU D 78 30.91 3.44 -24.51
C LEU D 78 31.05 1.93 -24.55
N SER D 79 32.18 1.39 -24.14
CA SER D 79 32.32 -0.05 -24.18
C SER D 79 31.80 -0.77 -22.95
N GLN D 80 31.60 -0.03 -21.86
CA GLN D 80 31.21 -0.61 -20.59
C GLN D 80 29.70 -0.66 -20.44
N PRO D 81 29.11 -1.62 -19.72
CA PRO D 81 27.68 -1.64 -19.44
C PRO D 81 27.24 -0.43 -18.65
N ILE D 82 26.02 0.05 -18.83
CA ILE D 82 25.44 1.10 -18.00
C ILE D 82 24.95 0.41 -16.74
N LEU D 83 24.32 -0.77 -16.79
CA LEU D 83 23.89 -1.48 -15.59
C LEU D 83 23.83 -2.96 -15.90
N CYS D 84 23.84 -3.84 -14.89
CA CYS D 84 23.81 -5.28 -15.05
C CYS D 84 22.96 -5.78 -13.92
N LEU D 85 22.13 -6.79 -14.07
CA LEU D 85 21.19 -7.18 -13.02
C LEU D 85 20.77 -8.60 -13.29
N SER D 86 20.57 -9.45 -12.29
CA SER D 86 20.07 -10.78 -12.50
C SER D 86 18.56 -10.87 -12.47
N LEU D 87 17.93 -11.75 -13.24
CA LEU D 87 16.50 -11.87 -13.19
C LEU D 87 16.07 -12.76 -12.04
N SER D 88 16.16 -12.24 -10.82
CA SER D 88 15.67 -12.92 -9.64
C SER D 88 14.76 -11.90 -9.00
N PRO D 89 13.49 -11.77 -9.42
CA PRO D 89 12.69 -10.64 -9.03
C PRO D 89 12.38 -10.58 -7.54
N ALA D 90 12.50 -11.64 -6.74
CA ALA D 90 12.24 -11.52 -5.32
C ALA D 90 13.51 -11.53 -4.50
N PHE D 91 14.64 -11.65 -5.16
CA PHE D 91 15.88 -11.85 -4.47
C PHE D 91 17.00 -10.89 -4.80
N ASP D 92 17.16 -10.51 -6.04
CA ASP D 92 18.21 -9.60 -6.42
C ASP D 92 17.93 -8.32 -5.66
N PRO D 93 18.88 -7.65 -5.00
CA PRO D 93 18.60 -6.53 -4.11
C PRO D 93 18.01 -5.33 -4.83
N ARG D 94 18.16 -5.24 -6.15
CA ARG D 94 17.57 -4.14 -6.88
C ARG D 94 16.11 -4.40 -7.13
N LEU D 95 15.70 -5.67 -7.25
CA LEU D 95 14.32 -5.98 -7.54
C LEU D 95 13.53 -6.41 -6.32
N SER D 96 14.12 -6.94 -5.25
CA SER D 96 13.35 -7.50 -4.17
C SER D 96 12.47 -6.56 -3.38
N HIS D 97 12.72 -5.26 -3.40
CA HIS D 97 11.91 -4.32 -2.65
C HIS D 97 11.00 -3.45 -3.49
N THR D 98 10.87 -3.76 -4.79
CA THR D 98 9.91 -3.10 -5.64
C THR D 98 8.53 -3.67 -5.23
N MET D 99 7.37 -3.13 -5.64
CA MET D 99 6.10 -3.71 -5.25
C MET D 99 6.02 -5.14 -5.79
N LEU D 100 6.46 -5.40 -7.03
CA LEU D 100 6.57 -6.75 -7.55
C LEU D 100 7.43 -7.62 -6.62
N GLY D 101 8.63 -7.22 -6.19
CA GLY D 101 9.44 -8.04 -5.32
C GLY D 101 8.84 -8.20 -3.94
N GLU D 102 8.08 -7.23 -3.41
CA GLU D 102 7.52 -7.36 -2.09
C GLU D 102 6.38 -8.37 -2.06
N VAL D 103 5.53 -8.42 -3.09
CA VAL D 103 4.46 -9.39 -3.19
C VAL D 103 5.08 -10.77 -3.43
N LEU D 104 6.09 -10.96 -4.30
CA LEU D 104 6.65 -12.29 -4.52
C LEU D 104 7.33 -12.83 -3.30
N ASN D 105 7.76 -11.98 -2.37
CA ASN D 105 8.40 -12.50 -1.18
C ASN D 105 7.43 -13.06 -0.18
N TYR D 106 6.12 -13.05 -0.44
CA TYR D 106 5.17 -13.78 0.37
C TYR D 106 4.82 -15.08 -0.35
N TYR D 107 5.47 -15.46 -1.46
CA TYR D 107 5.14 -16.68 -2.17
C TYR D 107 6.44 -17.41 -2.46
N THR D 108 6.39 -18.72 -2.63
CA THR D 108 7.59 -19.51 -2.87
C THR D 108 7.92 -19.63 -4.34
N HIS D 109 6.96 -19.57 -5.26
CA HIS D 109 7.20 -19.86 -6.67
C HIS D 109 6.63 -18.73 -7.50
N TRP D 110 7.20 -18.38 -8.65
CA TRP D 110 6.68 -17.34 -9.51
C TRP D 110 6.79 -17.81 -10.96
N ALA D 111 5.97 -17.28 -11.88
CA ALA D 111 6.08 -17.62 -13.28
C ALA D 111 5.44 -16.53 -14.10
N GLY D 112 5.99 -16.17 -15.26
CA GLY D 112 5.40 -15.22 -16.15
C GLY D 112 6.45 -14.29 -16.71
N SER D 113 5.94 -13.36 -17.49
CA SER D 113 6.76 -12.38 -18.16
C SER D 113 6.73 -11.10 -17.34
N LEU D 114 7.78 -10.32 -17.49
CA LEU D 114 8.04 -9.10 -16.72
C LEU D 114 8.35 -8.00 -17.71
N LYS D 115 8.15 -6.72 -17.42
CA LYS D 115 8.57 -5.67 -18.33
C LYS D 115 9.29 -4.58 -17.56
N PHE D 116 10.43 -4.13 -18.10
CA PHE D 116 11.26 -3.07 -17.52
C PHE D 116 11.02 -1.82 -18.35
N THR D 117 10.59 -0.68 -17.80
CA THR D 117 10.42 0.53 -18.56
C THR D 117 11.43 1.54 -18.04
N PHE D 118 12.17 2.20 -18.92
CA PHE D 118 13.18 3.16 -18.50
C PHE D 118 12.75 4.54 -18.95
N LEU D 119 12.91 5.57 -18.11
CA LEU D 119 12.54 6.96 -18.37
C LEU D 119 13.82 7.80 -18.47
N PHE D 120 14.01 8.58 -19.54
CA PHE D 120 15.16 9.46 -19.71
C PHE D 120 14.83 10.82 -19.12
N CYS D 121 15.61 11.37 -18.17
CA CYS D 121 15.31 12.66 -17.57
C CYS D 121 16.33 13.72 -17.93
N GLY D 122 16.89 13.64 -19.13
CA GLY D 122 17.80 14.65 -19.62
C GLY D 122 17.00 15.83 -20.17
N SER D 123 17.63 16.82 -20.77
CA SER D 123 16.88 17.94 -21.30
C SER D 123 16.29 17.52 -22.62
N MET D 124 15.40 18.31 -23.22
CA MET D 124 14.86 18.00 -24.51
C MET D 124 15.94 18.04 -25.59
N MET D 125 17.04 18.79 -25.40
CA MET D 125 18.05 18.87 -26.42
C MET D 125 18.98 17.67 -26.44
N ALA D 126 18.91 16.72 -25.50
CA ALA D 126 19.81 15.59 -25.47
C ALA D 126 19.29 14.46 -26.37
N THR D 127 20.11 13.76 -27.16
CA THR D 127 19.64 12.63 -27.96
C THR D 127 20.48 11.40 -27.61
N GLY D 128 20.15 10.19 -28.06
CA GLY D 128 20.96 9.02 -27.75
C GLY D 128 20.23 7.78 -28.19
N LYS D 129 20.93 6.66 -28.37
CA LYS D 129 20.29 5.40 -28.62
C LYS D 129 20.91 4.43 -27.63
N ILE D 130 20.10 3.60 -26.96
CA ILE D 130 20.54 2.67 -25.91
C ILE D 130 20.07 1.27 -26.23
N LEU D 131 20.85 0.21 -25.99
CA LEU D 131 20.46 -1.17 -26.23
C LEU D 131 20.14 -1.78 -24.86
N VAL D 132 18.93 -2.28 -24.56
CA VAL D 132 18.69 -2.93 -23.29
C VAL D 132 18.40 -4.37 -23.63
N ALA D 133 19.04 -5.34 -22.97
CA ALA D 133 18.98 -6.74 -23.33
C ALA D 133 18.66 -7.72 -22.22
N TYR D 134 18.17 -8.92 -22.56
CA TYR D 134 17.88 -10.01 -21.65
C TYR D 134 18.53 -11.27 -22.23
N ALA D 135 19.40 -11.93 -21.46
CA ALA D 135 20.05 -13.18 -21.85
C ALA D 135 19.44 -14.27 -21.00
N PRO D 136 18.67 -15.20 -21.54
CA PRO D 136 18.23 -16.41 -20.83
C PRO D 136 19.47 -17.08 -20.25
N PRO D 137 19.39 -17.81 -19.14
CA PRO D 137 20.56 -18.29 -18.43
C PRO D 137 21.38 -19.35 -19.15
N GLY D 138 22.54 -19.70 -18.60
CA GLY D 138 23.33 -20.81 -19.07
C GLY D 138 24.59 -20.45 -19.83
N ALA D 139 24.87 -19.19 -20.11
CA ALA D 139 26.08 -18.84 -20.81
C ALA D 139 26.71 -17.76 -19.97
N GLN D 140 27.86 -17.27 -20.40
CA GLN D 140 28.55 -16.21 -19.72
C GLN D 140 27.71 -14.94 -19.67
N PRO D 141 27.52 -14.29 -18.52
CA PRO D 141 26.76 -13.04 -18.38
C PRO D 141 27.34 -11.97 -19.29
N PRO D 142 26.58 -11.24 -20.12
CA PRO D 142 27.14 -10.29 -21.07
C PRO D 142 28.04 -9.24 -20.45
N THR D 143 29.24 -9.12 -21.00
CA THR D 143 30.14 -8.04 -20.62
C THR D 143 30.30 -7.00 -21.70
N SER D 144 29.86 -7.25 -22.95
CA SER D 144 30.00 -6.28 -24.00
C SER D 144 28.70 -6.21 -24.77
N ARG D 145 28.50 -5.15 -25.56
CA ARG D 145 27.31 -5.00 -26.34
C ARG D 145 27.23 -6.12 -27.34
N LYS D 146 28.38 -6.52 -27.86
CA LYS D 146 28.49 -7.58 -28.83
C LYS D 146 27.89 -8.87 -28.31
N GLU D 147 28.06 -9.20 -27.03
CA GLU D 147 27.44 -10.38 -26.48
C GLU D 147 26.01 -10.13 -26.10
N ALA D 148 25.68 -8.96 -25.57
CA ALA D 148 24.33 -8.64 -25.15
C ALA D 148 23.36 -8.65 -26.32
N MET D 149 23.76 -8.17 -27.50
CA MET D 149 22.87 -8.11 -28.64
C MET D 149 22.53 -9.44 -29.25
N LEU D 150 23.13 -10.54 -28.81
CA LEU D 150 22.76 -11.84 -29.31
C LEU D 150 21.55 -12.39 -28.57
N GLY D 151 21.10 -11.78 -27.45
CA GLY D 151 19.93 -12.22 -26.72
C GLY D 151 18.74 -11.33 -27.03
N THR D 152 17.70 -11.36 -26.19
CA THR D 152 16.50 -10.58 -26.46
C THR D 152 16.85 -9.13 -26.25
N HIS D 153 16.51 -8.16 -27.10
CA HIS D 153 16.92 -6.80 -26.80
C HIS D 153 16.04 -5.83 -27.52
N VAL D 154 16.05 -4.59 -27.05
CA VAL D 154 15.32 -3.46 -27.62
C VAL D 154 16.34 -2.37 -27.81
N ILE D 155 16.35 -1.71 -28.96
CA ILE D 155 17.17 -0.54 -29.14
C ILE D 155 16.23 0.65 -29.01
N TRP D 156 16.45 1.43 -27.95
CA TRP D 156 15.70 2.61 -27.57
C TRP D 156 16.22 3.87 -28.25
N ASP D 157 15.41 4.61 -29.00
CA ASP D 157 15.83 5.89 -29.54
C ASP D 157 15.22 6.96 -28.66
N LEU D 158 16.01 7.83 -28.01
CA LEU D 158 15.46 8.87 -27.16
C LEU D 158 14.76 9.91 -28.01
N GLY D 159 13.65 10.49 -27.56
CA GLY D 159 12.91 11.44 -28.37
C GLY D 159 11.67 11.88 -27.62
N LEU D 160 10.59 12.32 -28.29
CA LEU D 160 9.41 12.78 -27.56
C LEU D 160 8.76 11.73 -26.69
N GLN D 161 8.66 10.47 -27.12
CA GLN D 161 8.16 9.45 -26.23
C GLN D 161 9.39 9.22 -25.37
N SER D 162 9.24 9.61 -24.12
CA SER D 162 10.32 9.61 -23.15
C SER D 162 10.83 8.28 -22.65
N SER D 163 10.02 7.23 -22.77
CA SER D 163 10.29 5.99 -22.09
C SER D 163 10.29 4.82 -23.06
N CYS D 164 10.91 3.71 -22.70
CA CYS D 164 10.98 2.53 -23.55
C CYS D 164 10.75 1.31 -22.68
N THR D 165 9.96 0.32 -23.15
CA THR D 165 9.70 -0.91 -22.39
C THR D 165 10.38 -2.10 -23.05
N MET D 166 11.14 -2.88 -22.29
CA MET D 166 11.65 -4.13 -22.78
C MET D 166 10.83 -5.19 -22.06
N VAL D 167 10.30 -6.19 -22.75
CA VAL D 167 9.58 -7.27 -22.10
C VAL D 167 10.55 -8.45 -21.99
N VAL D 168 10.67 -9.03 -20.80
CA VAL D 168 11.50 -10.20 -20.55
C VAL D 168 10.50 -11.34 -20.72
N PRO D 169 10.42 -12.07 -21.83
CA PRO D 169 9.46 -13.14 -22.04
C PRO D 169 9.68 -14.27 -21.06
N TRP D 170 8.65 -14.96 -20.60
CA TRP D 170 8.85 -16.15 -19.79
C TRP D 170 9.60 -17.19 -20.63
N ILE D 171 10.86 -17.50 -20.33
CA ILE D 171 11.61 -18.53 -21.04
C ILE D 171 12.18 -19.32 -19.89
N SER D 172 11.67 -20.52 -19.60
CA SER D 172 12.05 -21.29 -18.44
C SER D 172 11.95 -22.77 -18.74
N ASN D 173 12.77 -23.55 -18.05
CA ASN D 173 12.63 -24.99 -18.12
C ASN D 173 11.51 -25.42 -17.17
N VAL D 174 11.59 -25.10 -15.88
CA VAL D 174 10.55 -25.44 -14.91
C VAL D 174 9.28 -24.61 -15.15
N THR D 175 8.10 -25.07 -14.68
CA THR D 175 6.87 -24.35 -14.93
C THR D 175 6.70 -23.17 -14.00
N TYR D 176 7.41 -23.19 -12.87
CA TYR D 176 7.43 -22.14 -11.88
C TYR D 176 8.86 -22.04 -11.36
N ARG D 177 9.41 -20.86 -11.16
CA ARG D 177 10.74 -20.68 -10.58
C ARG D 177 10.60 -20.42 -9.10
N GLN D 178 11.66 -20.55 -8.32
CA GLN D 178 11.65 -20.23 -6.90
C GLN D 178 11.84 -18.76 -6.68
N THR D 179 11.26 -18.18 -5.62
CA THR D 179 11.52 -16.80 -5.32
C THR D 179 12.89 -16.66 -4.61
N THR D 180 13.44 -17.63 -3.88
CA THR D 180 14.83 -17.52 -3.43
C THR D 180 15.79 -17.67 -4.58
N GLN D 181 17.09 -17.44 -4.38
CA GLN D 181 18.06 -17.64 -5.44
C GLN D 181 18.40 -19.11 -5.52
N ASP D 182 18.29 -19.72 -6.68
CA ASP D 182 18.66 -21.10 -6.83
C ASP D 182 19.15 -21.22 -8.25
N SER D 183 20.28 -21.85 -8.50
CA SER D 183 20.77 -22.04 -9.85
C SER D 183 19.90 -22.96 -10.68
N PHE D 184 19.21 -23.92 -10.06
CA PHE D 184 18.33 -24.77 -10.81
C PHE D 184 17.20 -23.96 -11.46
N THR D 185 16.75 -22.88 -10.85
CA THR D 185 15.64 -22.11 -11.40
C THR D 185 16.08 -20.69 -11.67
N GLU D 186 17.33 -20.46 -12.03
CA GLU D 186 17.85 -19.14 -12.30
C GLU D 186 17.20 -18.54 -13.54
N GLY D 187 17.07 -17.21 -13.61
CA GLY D 187 16.32 -16.57 -14.66
C GLY D 187 17.12 -15.85 -15.72
N GLY D 188 18.43 -15.61 -15.65
CA GLY D 188 19.09 -14.89 -16.72
C GLY D 188 19.55 -13.51 -16.31
N TYR D 189 19.94 -12.74 -17.31
CA TYR D 189 20.68 -11.50 -17.10
C TYR D 189 20.16 -10.33 -17.85
N ILE D 190 20.05 -9.17 -17.24
CA ILE D 190 19.68 -7.95 -17.94
C ILE D 190 20.89 -7.04 -17.94
N SER D 191 21.20 -6.47 -19.10
CA SER D 191 22.33 -5.59 -19.23
C SER D 191 21.89 -4.44 -20.13
N MET D 192 22.59 -3.30 -20.12
CA MET D 192 22.23 -2.16 -20.93
C MET D 192 23.55 -1.54 -21.41
N PHE D 193 23.64 -1.11 -22.67
CA PHE D 193 24.85 -0.56 -23.26
C PHE D 193 24.45 0.62 -24.12
N TYR D 194 25.36 1.54 -24.42
CA TYR D 194 25.07 2.61 -25.33
C TYR D 194 25.07 2.03 -26.73
N GLN D 195 24.12 2.40 -27.59
CA GLN D 195 24.12 1.96 -28.98
C GLN D 195 24.86 3.01 -29.78
N THR D 196 24.70 4.33 -29.51
CA THR D 196 25.56 5.33 -30.13
C THR D 196 26.10 6.06 -28.90
N ARG D 197 25.66 7.25 -28.49
CA ARG D 197 26.08 7.85 -27.23
C ARG D 197 25.08 8.98 -26.97
N ILE D 198 25.06 9.55 -25.77
CA ILE D 198 24.23 10.71 -25.47
C ILE D 198 24.91 11.83 -26.23
N VAL D 199 24.24 12.69 -27.01
CA VAL D 199 24.86 13.83 -27.66
C VAL D 199 24.07 15.03 -27.17
N VAL D 200 24.68 16.16 -26.78
CA VAL D 200 23.96 17.36 -26.38
C VAL D 200 24.59 18.54 -27.12
N PRO D 201 23.94 19.67 -27.41
CA PRO D 201 24.60 20.87 -27.92
C PRO D 201 25.35 21.65 -26.82
N LEU D 202 25.84 22.86 -27.08
CA LEU D 202 26.49 23.61 -26.02
C LEU D 202 25.40 24.13 -25.09
N SER D 203 25.79 24.59 -23.89
CA SER D 203 24.89 25.16 -22.90
C SER D 203 23.82 24.23 -22.41
N THR D 204 24.10 22.92 -22.45
CA THR D 204 23.16 21.89 -22.03
C THR D 204 23.87 21.00 -21.04
N PRO D 205 23.25 20.49 -19.98
CA PRO D 205 23.88 19.54 -19.09
C PRO D 205 24.37 18.31 -19.85
N LYS D 206 25.58 17.84 -19.58
CA LYS D 206 26.17 16.69 -20.24
C LYS D 206 25.93 15.37 -19.53
N SER D 207 25.31 15.42 -18.35
CA SER D 207 24.97 14.27 -17.54
C SER D 207 23.52 14.36 -17.18
N MET D 208 22.83 13.25 -16.93
CA MET D 208 21.42 13.29 -16.60
C MET D 208 21.06 11.96 -16.02
N SER D 209 19.91 11.85 -15.36
CA SER D 209 19.47 10.60 -14.79
C SER D 209 18.55 9.85 -15.71
N MET D 210 18.58 8.54 -15.54
CA MET D 210 17.66 7.63 -16.14
C MET D 210 17.01 6.94 -14.93
N LEU D 211 15.70 6.72 -14.96
CA LEU D 211 14.99 6.03 -13.88
C LEU D 211 14.46 4.73 -14.45
N GLY D 212 14.27 3.63 -13.72
CA GLY D 212 13.80 2.38 -14.30
C GLY D 212 12.60 1.89 -13.52
N PHE D 213 11.67 1.18 -14.15
CA PHE D 213 10.42 0.72 -13.51
C PHE D 213 10.24 -0.74 -13.85
N VAL D 214 9.59 -1.56 -13.00
CA VAL D 214 9.34 -2.97 -13.32
C VAL D 214 7.91 -3.33 -12.96
N SER D 215 7.26 -4.19 -13.75
CA SER D 215 5.96 -4.72 -13.41
C SER D 215 5.78 -6.05 -14.10
N ALA D 216 4.80 -6.82 -13.64
CA ALA D 216 4.45 -8.11 -14.19
C ALA D 216 3.56 -7.95 -15.39
N CYS D 217 3.65 -8.87 -16.33
CA CYS D 217 2.74 -8.89 -17.44
C CYS D 217 1.49 -9.63 -16.99
N ASN D 218 0.47 -9.70 -17.86
CA ASN D 218 -0.75 -10.39 -17.55
C ASN D 218 -0.69 -11.90 -17.52
N ASP D 219 0.45 -12.53 -17.78
CA ASP D 219 0.54 -13.96 -17.67
C ASP D 219 1.27 -14.35 -16.40
N PHE D 220 1.40 -13.47 -15.42
CA PHE D 220 2.24 -13.74 -14.27
C PHE D 220 1.42 -14.27 -13.12
N SER D 221 1.90 -15.28 -12.38
CA SER D 221 1.23 -15.76 -11.19
C SER D 221 2.31 -16.19 -10.19
N VAL D 222 1.88 -16.38 -8.94
CA VAL D 222 2.67 -16.82 -7.83
C VAL D 222 1.90 -17.93 -7.11
N ARG D 223 2.58 -18.77 -6.33
CA ARG D 223 1.92 -19.79 -5.55
C ARG D 223 2.79 -20.18 -4.35
N LEU D 224 2.18 -20.89 -3.41
CA LEU D 224 2.66 -21.33 -2.11
C LEU D 224 3.05 -20.17 -1.20
N LEU D 225 2.01 -19.69 -0.50
CA LEU D 225 2.10 -18.56 0.41
C LEU D 225 3.13 -18.86 1.50
N ARG D 226 3.96 -17.90 1.92
CA ARG D 226 5.01 -18.13 2.91
C ARG D 226 5.29 -16.81 3.60
N ASP D 227 5.96 -16.79 4.74
CA ASP D 227 6.29 -15.53 5.38
C ASP D 227 7.46 -14.86 4.70
N THR D 228 7.50 -13.53 4.78
CA THR D 228 8.54 -12.80 4.11
C THR D 228 9.73 -12.65 5.04
N THR D 229 10.91 -12.48 4.48
CA THR D 229 12.05 -12.12 5.30
C THR D 229 12.09 -10.61 5.45
N HIS D 230 11.19 -9.82 4.84
CA HIS D 230 11.33 -8.38 4.88
C HIS D 230 10.77 -7.69 6.11
N ILE D 231 10.31 -8.35 7.18
CA ILE D 231 9.85 -7.68 8.38
C ILE D 231 10.21 -8.65 9.49
N SER D 232 10.63 -8.16 10.65
CA SER D 232 10.86 -9.03 11.77
C SER D 232 10.53 -8.25 13.03
N GLN D 233 10.73 -8.91 14.16
CA GLN D 233 10.38 -8.33 15.44
C GLN D 233 11.37 -8.89 16.43
N SER D 234 11.99 -8.07 17.26
CA SER D 234 12.90 -8.60 18.27
C SER D 234 12.16 -8.76 19.58
N ALA D 235 12.70 -9.60 20.45
CA ALA D 235 12.11 -9.89 21.76
C ALA D 235 12.33 -8.69 22.70
N GLY E 1 -30.35 -27.55 2.14
CA GLY E 1 -29.49 -26.38 2.23
C GLY E 1 -28.06 -26.74 1.87
N ALA E 2 -27.79 -27.95 1.35
CA ALA E 2 -26.45 -28.35 0.99
C ALA E 2 -26.10 -27.67 -0.29
N GLN E 3 -24.94 -27.09 -0.39
CA GLN E 3 -24.47 -26.46 -1.58
C GLN E 3 -23.50 -27.49 -2.17
N VAL E 4 -23.52 -27.84 -3.45
CA VAL E 4 -22.58 -28.79 -3.98
C VAL E 4 -21.75 -28.07 -5.03
N SER E 5 -20.42 -28.02 -4.99
CA SER E 5 -19.66 -27.35 -6.03
C SER E 5 -18.59 -28.30 -6.54
N SER E 6 -18.00 -27.98 -7.67
CA SER E 6 -16.89 -28.73 -8.24
C SER E 6 -15.55 -28.41 -7.62
N GLN E 7 -14.66 -29.38 -7.47
CA GLN E 7 -13.32 -29.14 -7.01
C GLN E 7 -12.52 -28.93 -8.29
N LYS E 8 -11.44 -28.14 -8.25
CA LYS E 8 -10.53 -27.97 -9.37
C LYS E 8 -9.48 -29.06 -9.13
N VAL E 9 -9.50 -30.21 -9.80
CA VAL E 9 -8.56 -31.28 -9.44
C VAL E 9 -7.12 -31.10 -9.95
N GLY E 10 -6.15 -31.22 -9.03
CA GLY E 10 -4.73 -31.17 -9.32
C GLY E 10 -4.19 -32.52 -9.75
N ALA E 11 -3.66 -33.34 -8.84
CA ALA E 11 -3.24 -34.69 -9.22
C ALA E 11 -4.49 -35.58 -9.37
N HIS E 12 -4.48 -36.46 -10.36
CA HIS E 12 -5.60 -37.34 -10.67
C HIS E 12 -5.20 -38.78 -10.40
N GLU E 13 -6.09 -39.52 -9.78
CA GLU E 13 -5.84 -40.92 -9.53
C GLU E 13 -6.08 -41.71 -10.82
N ASN E 14 -5.52 -42.89 -11.05
CA ASN E 14 -5.87 -43.67 -12.23
C ASN E 14 -7.24 -44.30 -12.03
N SER E 15 -8.28 -43.52 -11.86
CA SER E 15 -9.64 -44.01 -11.71
C SER E 15 -10.36 -43.60 -12.97
N SER E 22 -12.56 -36.67 -14.17
CA SER E 22 -13.97 -36.34 -14.02
C SER E 22 -14.12 -35.27 -12.89
N THR E 23 -15.28 -34.57 -12.96
CA THR E 23 -15.75 -33.50 -12.02
C THR E 23 -15.94 -34.20 -10.66
N ILE E 24 -15.14 -33.74 -9.69
CA ILE E 24 -15.30 -34.25 -8.35
C ILE E 24 -15.92 -33.09 -7.60
N ASN E 25 -16.95 -33.36 -6.82
CA ASN E 25 -17.68 -32.34 -6.12
C ASN E 25 -17.44 -32.36 -4.63
N TYR E 26 -17.77 -31.30 -3.92
CA TYR E 26 -17.72 -31.31 -2.49
C TYR E 26 -18.98 -30.62 -1.98
N THR E 27 -19.38 -30.90 -0.74
CA THR E 27 -20.63 -30.43 -0.19
C THR E 27 -20.42 -29.52 1.00
N THR E 28 -21.25 -28.48 1.18
CA THR E 28 -21.16 -27.55 2.29
C THR E 28 -22.54 -27.29 2.87
N ILE E 29 -22.72 -27.21 4.18
CA ILE E 29 -23.97 -26.86 4.81
C ILE E 29 -23.56 -25.82 5.84
N ASN E 30 -24.27 -24.71 5.97
CA ASN E 30 -23.95 -23.73 6.98
C ASN E 30 -24.76 -24.12 8.19
N TYR E 31 -24.13 -24.16 9.35
CA TYR E 31 -24.83 -24.57 10.54
C TYR E 31 -25.24 -23.42 11.42
N TYR E 32 -24.85 -22.17 11.13
CA TYR E 32 -25.11 -21.07 12.03
C TYR E 32 -25.88 -19.99 11.32
N LYS E 33 -26.68 -19.27 12.09
CA LYS E 33 -27.47 -18.19 11.56
C LYS E 33 -26.65 -16.99 11.17
N ASP E 34 -25.58 -16.68 11.91
CA ASP E 34 -24.79 -15.51 11.64
C ASP E 34 -23.79 -15.79 10.55
N SER E 35 -23.73 -14.95 9.51
CA SER E 35 -22.84 -15.22 8.42
C SER E 35 -21.37 -15.09 8.81
N ALA E 36 -21.05 -14.39 9.89
CA ALA E 36 -19.68 -14.36 10.37
C ALA E 36 -19.20 -15.74 10.75
N SER E 37 -20.08 -16.69 11.08
CA SER E 37 -19.68 -18.04 11.43
C SER E 37 -19.25 -18.87 10.24
N ASN E 38 -19.62 -18.44 9.05
CA ASN E 38 -19.35 -19.23 7.86
C ASN E 38 -17.90 -19.36 7.55
N ALA E 39 -17.55 -20.42 6.83
CA ALA E 39 -16.19 -20.62 6.38
C ALA E 39 -16.00 -19.71 5.18
N ALA E 40 -14.86 -19.65 4.49
CA ALA E 40 -14.69 -18.82 3.32
C ALA E 40 -14.99 -19.69 2.11
N SER E 41 -15.68 -19.27 1.06
CA SER E 41 -15.93 -20.18 -0.04
C SER E 41 -14.76 -20.28 -0.99
N LYS E 42 -13.89 -19.25 -0.99
CA LYS E 42 -12.70 -19.16 -1.79
C LYS E 42 -12.97 -19.35 -3.26
N GLN E 43 -14.14 -18.93 -3.72
CA GLN E 43 -14.49 -19.05 -5.12
C GLN E 43 -14.50 -17.62 -5.52
N ASP E 44 -13.32 -17.07 -5.69
CA ASP E 44 -13.26 -15.64 -5.80
C ASP E 44 -12.88 -15.15 -7.16
N TYR E 45 -13.70 -14.18 -7.52
CA TYR E 45 -13.51 -13.52 -8.80
C TYR E 45 -12.46 -12.44 -8.59
N SER E 46 -11.99 -12.04 -9.77
CA SER E 46 -10.90 -11.10 -9.94
C SER E 46 -11.40 -9.89 -10.71
N GLN E 47 -10.48 -8.99 -11.07
CA GLN E 47 -10.88 -7.80 -11.79
C GLN E 47 -9.69 -7.30 -12.58
N ASP E 48 -10.01 -6.19 -13.22
CA ASP E 48 -9.09 -5.44 -14.01
C ASP E 48 -8.25 -4.47 -13.18
N PRO E 49 -6.93 -4.53 -13.34
CA PRO E 49 -5.99 -3.61 -12.71
C PRO E 49 -6.01 -2.19 -13.25
N SER E 50 -6.71 -1.87 -14.34
CA SER E 50 -6.74 -0.55 -14.94
C SER E 50 -6.90 0.64 -14.07
N LYS E 51 -7.67 0.53 -12.99
CA LYS E 51 -7.85 1.66 -12.12
C LYS E 51 -6.55 2.09 -11.47
N PHE E 52 -5.56 1.18 -11.46
CA PHE E 52 -4.23 1.44 -10.96
C PHE E 52 -3.23 1.55 -12.11
N THR E 53 -3.32 0.71 -13.14
CA THR E 53 -2.31 0.73 -14.18
C THR E 53 -2.56 1.76 -15.24
N GLU E 54 -3.79 2.20 -15.47
CA GLU E 54 -4.09 3.16 -16.53
C GLU E 54 -5.17 4.13 -16.10
N PRO E 55 -5.07 4.90 -15.01
CA PRO E 55 -6.18 5.72 -14.55
C PRO E 55 -6.22 7.05 -15.31
N LEU E 56 -6.19 7.01 -16.65
CA LEU E 56 -6.04 8.20 -17.46
C LEU E 56 -7.38 8.66 -17.94
N LYS E 57 -7.59 9.94 -18.14
CA LYS E 57 -8.84 10.43 -18.62
C LYS E 57 -9.05 10.00 -20.08
N ASP E 58 -8.04 10.09 -20.95
CA ASP E 58 -8.14 9.57 -22.30
C ASP E 58 -7.26 8.34 -22.33
N VAL E 59 -7.75 7.11 -22.29
CA VAL E 59 -6.83 5.97 -22.27
C VAL E 59 -6.46 5.70 -23.71
N LEU E 60 -5.16 5.64 -24.03
CA LEU E 60 -4.77 5.45 -25.43
C LEU E 60 -4.34 4.00 -25.66
N ILE E 61 -4.38 3.59 -26.92
CA ILE E 61 -4.02 2.22 -27.29
C ILE E 61 -2.48 2.08 -27.30
N LYS E 62 -1.92 0.93 -26.88
CA LYS E 62 -0.48 0.78 -26.74
C LYS E 62 0.33 0.93 -28.03
N THR E 63 -0.27 0.76 -29.20
CA THR E 63 0.47 0.93 -30.45
C THR E 63 0.59 2.37 -30.91
N ALA E 64 -0.29 3.23 -30.38
CA ALA E 64 -0.30 4.64 -30.73
C ALA E 64 0.71 5.37 -29.83
N PRO E 65 1.24 6.56 -30.18
CA PRO E 65 2.05 7.37 -29.27
C PRO E 65 1.28 7.81 -28.01
N ALA E 66 1.95 7.72 -26.85
CA ALA E 66 1.38 8.15 -25.57
C ALA E 66 1.19 9.65 -25.56
N LEU E 67 2.09 10.41 -26.17
CA LEU E 67 1.93 11.84 -26.27
C LEU E 67 1.80 12.16 -27.73
N ASN E 68 0.62 12.70 -28.06
CA ASN E 68 0.24 13.10 -29.40
C ASN E 68 -0.01 14.60 -29.23
C1 SPH F . -10.82 0.22 12.83
O1 SPH F . -11.12 1.49 12.26
C2 SPH F . -9.29 -0.15 12.75
N2 SPH F . -8.62 0.51 13.85
C3 SPH F . -8.75 -1.65 12.96
O3 SPH F . -7.95 -1.76 11.83
C4 SPH F . -9.51 -2.98 12.95
C5 SPH F . -8.90 -4.17 13.18
C6 SPH F . -9.52 -5.55 13.22
C7 SPH F . -10.17 -5.82 14.59
C8 SPH F . -11.15 -7.00 14.78
C9 SPH F . -11.88 -6.62 16.10
C10 SPH F . -12.84 -7.60 16.75
C11 SPH F . -13.31 -7.09 18.12
C12 SPH F . -14.21 -8.04 18.95
C13 SPH F . -13.52 -9.29 19.56
C14 SPH F . -14.46 -10.22 20.33
C15 SPH F . -13.75 -11.43 20.95
C16 SPH F . -14.77 -12.28 21.73
C17 SPH F . -14.15 -13.40 22.58
C18 SPH F . -15.24 -14.13 23.48
C1 MYR G . -30.49 -28.36 3.17
O1 MYR G . -29.95 -28.11 4.24
C2 MYR G . -31.33 -29.60 3.00
C3 MYR G . -31.19 -30.63 4.13
C4 MYR G . -29.78 -31.12 4.45
C5 MYR G . -29.91 -32.35 5.35
C6 MYR G . -28.64 -32.70 6.14
C7 MYR G . -28.56 -31.84 7.43
C8 MYR G . -27.40 -32.23 8.40
C9 MYR G . -27.62 -31.58 9.78
C10 MYR G . -27.60 -30.02 9.82
C11 MYR G . -27.82 -29.58 11.29
C12 MYR G . -27.53 -28.07 11.54
C13 MYR G . -27.63 -27.66 13.05
C14 MYR G . -29.02 -28.05 13.68
#